data_6G3Y
#
_entry.id   6G3Y
#
_cell.length_a   80.817
_cell.length_b   81.357
_cell.length_c   169.157
_cell.angle_alpha   90.00
_cell.angle_beta   90.00
_cell.angle_gamma   90.00
#
_symmetry.space_group_name_H-M   'P 21 21 21'
#
loop_
_entity.id
_entity.type
_entity.pdbx_description
1 polymer 'N-glycosylase/DNA lyase'
2 non-polymer 4-(4-azanyl-2-oxidanylidene-3~{H}-benzimidazol-1-yl)-~{N}-(4-iodophenyl)piperidine-1-carboxamide
3 non-polymer 'NICKEL (II) ION'
4 non-polymer 'ACETATE ION'
5 water water
#
_entity_poly.entity_id   1
_entity_poly.type   'polypeptide(L)'
_entity_poly.pdbx_seq_one_letter_code
;GSHMRHRTLSSSPALWASIPCPRSELRLDLVLASGQSFRWKEQSPAHWSGVLADQVWTLTQTEDQLYCTVYRGDDSQVSR
PTLEELETLHKYFQLDVSLAQLYSHWASVDSHFQRVAQKFQGVRLLRQDPTECLFSFICSSNNNIARITGMVERLCQAFG
PRLIQLDDVTYHGFPNLHALAGPEAETHLRKLGLGYRARYVRASAKAILEEQGGPAWLQQLRVAPYEEAHKALCTLPGVG
AKVADCICLMALDKPQAVPVDVHVWQIAHRDYGWHPKTSQAKGPSPLANKELGNFFRNLWGPYAGWAQAVLFSADLRQ
;
_entity_poly.pdbx_strand_id   A,B,C
#
loop_
_chem_comp.id
_chem_comp.type
_chem_comp.name
_chem_comp.formula
ACT non-polymer 'ACETATE ION' 'C2 H3 O2 -1'
ELB non-polymer 4-(4-azanyl-2-oxidanylidene-3~{H}-benzimidazol-1-yl)-~{N}-(4-iodophenyl)piperidine-1-carboxamide 'C19 H20 I N5 O2'
NI non-polymer 'NICKEL (II) ION' 'Ni 2'
#
# COMPACT_ATOMS: atom_id res chain seq x y z
N HIS A 3 21.93 -26.60 -31.49
CA HIS A 3 22.88 -26.27 -32.59
C HIS A 3 23.04 -24.76 -32.74
N MET A 4 21.95 -24.06 -33.05
CA MET A 4 21.94 -22.59 -33.14
C MET A 4 21.66 -21.99 -31.77
N ARG A 5 22.06 -20.73 -31.58
CA ARG A 5 22.04 -20.09 -30.27
C ARG A 5 21.30 -18.73 -30.30
N HIS A 6 20.72 -18.36 -29.15
CA HIS A 6 20.11 -17.04 -28.93
C HIS A 6 21.11 -15.90 -29.11
N ARG A 7 20.74 -14.91 -29.92
CA ARG A 7 21.61 -13.78 -30.18
C ARG A 7 21.57 -12.77 -29.04
N THR A 8 22.66 -12.01 -28.93
CA THR A 8 22.72 -10.79 -28.14
C THR A 8 23.28 -9.71 -29.06
N LEU A 9 23.29 -8.46 -28.58
CA LEU A 9 23.77 -7.33 -29.38
C LEU A 9 25.31 -7.33 -29.42
N SER A 10 25.93 -7.87 -28.38
CA SER A 10 27.39 -8.07 -28.34
C SER A 10 27.85 -9.22 -29.25
N SER A 11 27.18 -10.38 -29.16
CA SER A 11 27.59 -11.59 -29.89
C SER A 11 27.64 -11.40 -31.41
N SER A 12 26.50 -11.03 -31.98
CA SER A 12 26.31 -11.00 -33.43
C SER A 12 25.66 -9.68 -33.89
N PRO A 13 26.37 -8.55 -33.73
CA PRO A 13 25.80 -7.20 -33.99
C PRO A 13 25.40 -6.92 -35.45
N ALA A 14 25.92 -7.68 -36.39
CA ALA A 14 25.57 -7.53 -37.81
C ALA A 14 24.10 -7.85 -38.11
N LEU A 15 23.55 -8.86 -37.44
CA LEU A 15 22.21 -9.38 -37.76
C LEU A 15 21.02 -8.57 -37.19
N TRP A 16 21.29 -7.51 -36.43
CA TRP A 16 20.24 -6.68 -35.82
C TRP A 16 19.83 -5.50 -36.68
N ALA A 17 18.69 -4.89 -36.32
CA ALA A 17 18.21 -3.65 -36.93
C ALA A 17 17.43 -2.83 -35.90
N SER A 18 17.46 -1.51 -36.03
CA SER A 18 16.88 -0.60 -35.05
C SER A 18 15.60 0.07 -35.55
N ILE A 19 14.79 0.53 -34.59
CA ILE A 19 13.64 1.40 -34.85
C ILE A 19 13.78 2.58 -33.89
N PRO A 20 13.57 3.82 -34.36
CA PRO A 20 13.65 4.96 -33.45
C PRO A 20 12.51 4.91 -32.45
N CYS A 21 12.85 4.63 -31.19
CA CYS A 21 11.85 4.40 -30.15
C CYS A 21 12.38 4.78 -28.77
N PRO A 22 11.89 5.92 -28.22
CA PRO A 22 12.36 6.32 -26.89
C PRO A 22 11.92 5.36 -25.79
N ARG A 23 12.64 5.40 -24.67
CA ARG A 23 12.35 4.56 -23.51
C ARG A 23 11.05 4.98 -22.79
N SER A 24 10.62 6.23 -23.00
CA SER A 24 9.33 6.71 -22.50
C SER A 24 8.13 6.17 -23.29
N GLU A 25 8.31 5.94 -24.59
CA GLU A 25 7.27 5.31 -25.42
C GLU A 25 7.16 3.79 -25.24
N LEU A 26 8.22 3.14 -24.77
CA LEU A 26 8.25 1.66 -24.67
C LEU A 26 9.34 1.16 -23.71
N ARG A 27 8.91 0.38 -22.71
CA ARG A 27 9.83 -0.36 -21.85
C ARG A 27 9.49 -1.83 -21.93
N LEU A 28 10.20 -2.53 -22.82
CA LEU A 28 10.12 -3.99 -23.00
C LEU A 28 9.98 -4.80 -21.71
N ASP A 29 10.78 -4.48 -20.71
CA ASP A 29 10.73 -5.21 -19.42
C ASP A 29 9.42 -4.99 -18.63
N LEU A 30 8.70 -3.90 -18.91
CA LEU A 30 7.36 -3.65 -18.35
C LEU A 30 6.19 -4.11 -19.22
N VAL A 31 6.41 -4.40 -20.50
CA VAL A 31 5.35 -4.77 -21.45
C VAL A 31 5.29 -6.26 -21.75
N LEU A 32 6.44 -6.86 -22.09
CA LEU A 32 6.51 -8.25 -22.52
C LEU A 32 6.31 -9.29 -21.42
N ALA A 33 6.30 -8.87 -20.15
CA ALA A 33 6.01 -9.78 -19.03
C ALA A 33 4.86 -9.29 -18.14
N SER A 34 3.99 -8.41 -18.63
CA SER A 34 2.91 -7.83 -17.81
C SER A 34 1.54 -8.52 -17.98
N GLY A 35 1.55 -9.79 -18.39
CA GLY A 35 0.31 -10.55 -18.57
C GLY A 35 -0.55 -10.15 -19.76
N GLN A 36 0.07 -9.64 -20.82
CA GLN A 36 -0.65 -9.37 -22.08
C GLN A 36 -0.40 -10.52 -23.05
N SER A 37 0.88 -10.74 -23.34
CA SER A 37 1.37 -11.90 -24.09
C SER A 37 2.11 -12.78 -23.10
N PHE A 38 2.07 -14.08 -23.33
CA PHE A 38 2.73 -15.07 -22.46
C PHE A 38 3.82 -15.84 -23.19
N ARG A 39 4.34 -15.25 -24.26
CA ARG A 39 5.22 -15.92 -25.21
C ARG A 39 6.60 -15.27 -25.34
N TRP A 40 6.95 -14.38 -24.40
CA TRP A 40 8.24 -13.70 -24.41
C TRP A 40 9.01 -14.06 -23.15
N LYS A 41 10.30 -14.28 -23.29
CA LYS A 41 11.17 -14.61 -22.16
C LYS A 41 12.50 -13.88 -22.29
N GLU A 42 13.00 -13.40 -21.16
CA GLU A 42 14.30 -12.77 -21.07
C GLU A 42 15.38 -13.88 -21.03
N GLN A 43 15.70 -14.42 -22.20
CA GLN A 43 16.64 -15.55 -22.30
C GLN A 43 18.10 -15.18 -21.97
N SER A 44 18.47 -13.93 -22.18
CA SER A 44 19.67 -13.34 -21.59
C SER A 44 19.34 -11.92 -21.14
N PRO A 45 20.12 -11.33 -20.22
CA PRO A 45 19.76 -10.01 -19.68
C PRO A 45 19.49 -8.94 -20.76
N ALA A 46 18.35 -8.25 -20.62
CA ALA A 46 17.93 -7.17 -21.53
C ALA A 46 17.51 -7.62 -22.94
N HIS A 47 17.32 -8.93 -23.13
CA HIS A 47 17.06 -9.50 -24.45
C HIS A 47 15.86 -10.43 -24.38
N TRP A 48 14.75 -9.98 -24.93
CA TRP A 48 13.51 -10.73 -24.88
C TRP A 48 13.34 -11.49 -26.17
N SER A 49 13.20 -12.81 -26.06
CA SER A 49 12.97 -13.63 -27.24
C SER A 49 11.56 -14.20 -27.20
N GLY A 50 10.91 -14.21 -28.36
CA GLY A 50 9.59 -14.78 -28.48
C GLY A 50 9.19 -14.99 -29.92
N VAL A 51 8.07 -15.67 -30.12
CA VAL A 51 7.56 -15.97 -31.46
C VAL A 51 6.43 -15.00 -31.80
N LEU A 52 6.44 -14.54 -33.05
CA LEU A 52 5.36 -13.71 -33.58
C LEU A 52 5.13 -14.04 -35.05
N ALA A 53 3.97 -14.59 -35.37
CA ALA A 53 3.53 -14.86 -36.73
C ALA A 53 4.45 -15.83 -37.48
N ASP A 54 4.69 -16.98 -36.87
CA ASP A 54 5.54 -18.04 -37.45
C ASP A 54 7.00 -17.59 -37.70
N GLN A 55 7.51 -16.72 -36.82
CA GLN A 55 8.91 -16.31 -36.79
C GLN A 55 9.32 -16.02 -35.37
N VAL A 56 10.57 -16.29 -35.03
CA VAL A 56 11.12 -15.92 -33.73
C VAL A 56 11.84 -14.58 -33.85
N TRP A 57 11.75 -13.78 -32.79
CA TRP A 57 12.44 -12.50 -32.70
C TRP A 57 13.17 -12.45 -31.37
N THR A 58 14.27 -11.69 -31.33
CA THR A 58 14.85 -11.23 -30.08
C THR A 58 14.85 -9.70 -30.11
N LEU A 59 14.48 -9.09 -28.97
CA LEU A 59 14.33 -7.65 -28.85
C LEU A 59 15.14 -7.15 -27.67
N THR A 60 15.83 -6.03 -27.89
CA THR A 60 16.57 -5.31 -26.85
C THR A 60 16.50 -3.81 -27.18
N GLN A 61 16.83 -2.95 -26.22
CA GLN A 61 16.70 -1.50 -26.42
C GLN A 61 17.70 -0.67 -25.63
N THR A 62 18.03 0.49 -26.19
CA THR A 62 18.80 1.52 -25.50
C THR A 62 17.80 2.60 -25.05
N GLU A 63 18.30 3.77 -24.61
CA GLU A 63 17.42 4.87 -24.20
C GLU A 63 16.59 5.49 -25.33
N ASP A 64 17.02 5.35 -26.58
CA ASP A 64 16.29 5.91 -27.72
C ASP A 64 16.18 5.06 -28.99
N GLN A 65 16.56 3.78 -28.92
CA GLN A 65 16.49 2.87 -30.08
C GLN A 65 16.02 1.48 -29.67
N LEU A 66 15.16 0.88 -30.51
CA LEU A 66 14.65 -0.48 -30.31
C LEU A 66 15.35 -1.44 -31.27
N TYR A 67 16.33 -2.19 -30.76
CA TYR A 67 17.07 -3.15 -31.58
C TYR A 67 16.30 -4.47 -31.67
N CYS A 68 16.21 -5.03 -32.89
CA CYS A 68 15.51 -6.28 -33.12
C CYS A 68 16.17 -7.13 -34.21
N THR A 69 16.04 -8.46 -34.08
CA THR A 69 16.65 -9.42 -35.01
C THR A 69 15.75 -10.65 -35.20
N VAL A 70 15.72 -11.19 -36.42
CA VAL A 70 14.79 -12.26 -36.82
C VAL A 70 15.52 -13.58 -37.10
N TYR A 71 14.90 -14.69 -36.69
CA TYR A 71 15.32 -16.04 -37.05
C TYR A 71 14.20 -16.65 -37.90
N ARG A 72 14.51 -17.09 -39.11
CA ARG A 72 13.50 -17.68 -40.02
C ARG A 72 13.26 -19.20 -39.85
N GLY A 73 14.13 -19.89 -39.13
CA GLY A 73 13.89 -21.28 -38.74
C GLY A 73 14.29 -22.34 -39.75
N ASP A 74 13.65 -22.31 -40.92
CA ASP A 74 14.02 -23.21 -42.04
C ASP A 74 15.42 -22.86 -42.52
N ASP A 75 16.14 -23.87 -43.04
CA ASP A 75 17.55 -23.73 -43.42
C ASP A 75 17.74 -22.60 -44.45
N SER A 76 17.95 -21.40 -43.92
CA SER A 76 18.10 -20.18 -44.73
C SER A 76 19.38 -19.47 -44.33
N GLN A 77 19.81 -18.54 -45.17
CA GLN A 77 20.96 -17.69 -44.86
C GLN A 77 20.51 -16.62 -43.87
N VAL A 78 21.12 -16.62 -42.68
CA VAL A 78 20.76 -15.66 -41.61
C VAL A 78 21.01 -14.22 -42.05
N SER A 79 20.12 -13.31 -41.67
CA SER A 79 20.19 -11.90 -42.08
C SER A 79 19.45 -10.95 -41.12
N ARG A 80 19.50 -9.66 -41.41
CA ARG A 80 18.79 -8.65 -40.64
C ARG A 80 17.29 -8.64 -40.95
N PRO A 81 16.48 -8.00 -40.08
CA PRO A 81 15.06 -7.81 -40.37
C PRO A 81 14.80 -6.97 -41.63
N THR A 82 13.83 -7.38 -42.44
CA THR A 82 13.47 -6.66 -43.66
C THR A 82 12.61 -5.43 -43.32
N LEU A 83 12.22 -4.68 -44.35
CA LEU A 83 11.35 -3.51 -44.16
C LEU A 83 9.94 -3.90 -43.71
N GLU A 84 9.37 -4.91 -44.36
CA GLU A 84 8.02 -5.40 -44.02
C GLU A 84 7.97 -6.03 -42.63
N GLU A 85 9.05 -6.70 -42.24
CA GLU A 85 9.15 -7.30 -40.91
C GLU A 85 9.29 -6.25 -39.80
N LEU A 86 9.88 -5.09 -40.11
CA LEU A 86 9.89 -3.97 -39.17
C LEU A 86 8.52 -3.32 -39.03
N GLU A 87 7.71 -3.32 -40.10
CA GLU A 87 6.32 -2.82 -40.04
C GLU A 87 5.44 -3.71 -39.14
N THR A 88 5.62 -5.02 -39.24
CA THR A 88 4.97 -5.99 -38.35
C THR A 88 5.27 -5.66 -36.89
N LEU A 89 6.54 -5.41 -36.58
CA LEU A 89 6.95 -5.08 -35.21
C LEU A 89 6.45 -3.69 -34.79
N HIS A 90 6.39 -2.76 -35.74
CA HIS A 90 5.89 -1.41 -35.50
C HIS A 90 4.39 -1.41 -35.18
N LYS A 91 3.63 -2.25 -35.90
CA LYS A 91 2.19 -2.45 -35.67
C LYS A 91 1.89 -3.27 -34.40
N TYR A 92 2.80 -4.17 -34.04
CA TYR A 92 2.69 -4.97 -32.82
C TYR A 92 2.73 -4.12 -31.54
N PHE A 93 3.63 -3.15 -31.50
CA PHE A 93 3.71 -2.21 -30.38
C PHE A 93 2.80 -0.97 -30.55
N GLN A 94 2.17 -0.80 -31.71
CA GLN A 94 1.25 0.31 -31.96
C GLN A 94 1.95 1.66 -31.77
N LEU A 95 3.14 1.77 -32.36
CA LEU A 95 4.01 2.93 -32.15
C LEU A 95 3.55 4.20 -32.85
N ASP A 96 2.58 4.10 -33.77
CA ASP A 96 1.91 5.29 -34.33
C ASP A 96 1.29 6.16 -33.23
N VAL A 97 0.65 5.52 -32.26
CA VAL A 97 0.02 6.23 -31.15
C VAL A 97 1.08 6.71 -30.15
N SER A 98 1.03 8.01 -29.84
CA SER A 98 1.92 8.61 -28.86
C SER A 98 1.43 8.32 -27.45
N LEU A 99 2.18 7.49 -26.73
CA LEU A 99 1.89 7.13 -25.35
C LEU A 99 2.14 8.29 -24.38
N ALA A 100 3.11 9.15 -24.69
CA ALA A 100 3.42 10.32 -23.83
C ALA A 100 2.23 11.27 -23.72
N GLN A 101 1.58 11.53 -24.85
CA GLN A 101 0.38 12.38 -24.87
C GLN A 101 -0.78 11.73 -24.11
N LEU A 102 -0.93 10.41 -24.26
CA LEU A 102 -1.96 9.65 -23.53
C LEU A 102 -1.74 9.67 -22.01
N TYR A 103 -0.51 9.42 -21.59
CA TYR A 103 -0.13 9.46 -20.18
C TYR A 103 -0.56 10.78 -19.52
N SER A 104 -0.19 11.89 -20.15
CA SER A 104 -0.52 13.22 -19.62
C SER A 104 -2.03 13.50 -19.63
N HIS A 105 -2.72 13.00 -20.64
CA HIS A 105 -4.19 13.12 -20.73
C HIS A 105 -4.88 12.37 -19.59
N TRP A 106 -4.46 11.14 -19.31
CA TRP A 106 -5.00 10.37 -18.18
C TRP A 106 -4.60 11.01 -16.85
N ALA A 107 -3.35 11.47 -16.78
CA ALA A 107 -2.81 12.14 -15.59
C ALA A 107 -3.57 13.41 -15.21
N SER A 108 -4.06 14.16 -16.21
CA SER A 108 -4.77 15.42 -15.97
C SER A 108 -6.07 15.29 -15.16
N VAL A 109 -6.69 14.10 -15.18
CA VAL A 109 -7.91 13.83 -14.39
C VAL A 109 -7.74 12.75 -13.32
N ASP A 110 -6.52 12.21 -13.19
CA ASP A 110 -6.26 11.08 -12.29
C ASP A 110 -4.95 11.27 -11.54
N SER A 111 -5.06 11.73 -10.29
CA SER A 111 -3.91 11.97 -9.43
C SER A 111 -3.19 10.67 -9.08
N HIS A 112 -3.92 9.56 -8.97
CA HIS A 112 -3.31 8.26 -8.70
C HIS A 112 -2.42 7.83 -9.85
N PHE A 113 -2.97 7.84 -11.06
CA PHE A 113 -2.22 7.51 -12.28
C PHE A 113 -0.94 8.33 -12.41
N GLN A 114 -1.04 9.62 -12.07
CA GLN A 114 0.09 10.55 -12.12
C GLN A 114 1.28 10.05 -11.30
N ARG A 115 1.01 9.56 -10.08
CA ARG A 115 2.05 8.97 -9.22
C ARG A 115 2.68 7.75 -9.87
N VAL A 116 1.83 6.80 -10.27
CA VAL A 116 2.28 5.54 -10.89
C VAL A 116 3.06 5.79 -12.19
N ALA A 117 2.59 6.76 -12.98
CA ALA A 117 3.23 7.13 -14.26
C ALA A 117 4.65 7.70 -14.14
N GLN A 118 5.07 8.14 -12.94
CA GLN A 118 6.46 8.56 -12.71
C GLN A 118 7.42 7.39 -12.88
N LYS A 119 7.15 6.31 -12.14
CA LYS A 119 8.01 5.12 -12.17
C LYS A 119 7.81 4.22 -13.41
N PHE A 120 6.57 4.12 -13.90
CA PHE A 120 6.19 3.11 -14.90
C PHE A 120 5.83 3.73 -16.25
N GLN A 121 6.85 4.16 -16.97
CA GLN A 121 6.68 4.76 -18.30
C GLN A 121 6.86 3.70 -19.37
N GLY A 122 6.31 3.95 -20.54
CA GLY A 122 6.46 3.05 -21.69
C GLY A 122 5.72 1.72 -21.57
N VAL A 123 4.63 1.70 -20.80
CA VAL A 123 3.75 0.54 -20.72
C VAL A 123 2.63 0.69 -21.76
N ARG A 124 2.76 0.00 -22.88
CA ARG A 124 1.78 0.08 -23.97
C ARG A 124 1.07 -1.24 -24.22
N LEU A 125 0.02 -1.17 -25.01
CA LEU A 125 -0.78 -2.32 -25.39
C LEU A 125 -0.21 -2.93 -26.64
N LEU A 126 0.02 -4.23 -26.60
CA LEU A 126 0.44 -4.98 -27.78
C LEU A 126 -0.80 -5.21 -28.65
N ARG A 127 -0.59 -5.28 -29.96
CA ARG A 127 -1.64 -5.64 -30.91
C ARG A 127 -1.41 -7.11 -31.30
N GLN A 128 -2.04 -8.00 -30.55
CA GLN A 128 -1.83 -9.45 -30.69
C GLN A 128 -2.73 -10.05 -31.77
N ASP A 129 -2.39 -11.26 -32.20
CA ASP A 129 -3.22 -12.02 -33.11
C ASP A 129 -4.47 -12.46 -32.33
N PRO A 130 -5.66 -12.33 -32.94
CA PRO A 130 -6.90 -12.68 -32.22
C PRO A 130 -7.00 -14.12 -31.72
N THR A 131 -6.52 -15.09 -32.50
CA THR A 131 -6.62 -16.50 -32.12
C THR A 131 -5.71 -16.81 -30.94
N GLU A 132 -4.46 -16.39 -31.00
CA GLU A 132 -3.51 -16.56 -29.90
C GLU A 132 -4.01 -15.95 -28.59
N CYS A 133 -4.54 -14.73 -28.70
CA CYS A 133 -5.07 -13.98 -27.57
C CYS A 133 -6.28 -14.67 -26.95
N LEU A 134 -7.21 -15.14 -27.77
CA LEU A 134 -8.40 -15.84 -27.31
C LEU A 134 -8.09 -17.05 -26.43
N PHE A 135 -7.29 -17.97 -26.95
CA PHE A 135 -6.99 -19.21 -26.21
C PHE A 135 -6.04 -19.01 -25.04
N SER A 136 -5.11 -18.06 -25.15
CA SER A 136 -4.26 -17.67 -24.01
C SER A 136 -5.12 -17.20 -22.84
N PHE A 137 -6.14 -16.40 -23.11
CA PHE A 137 -7.00 -15.86 -22.04
C PHE A 137 -8.10 -16.82 -21.58
N ILE A 138 -8.41 -17.84 -22.38
CA ILE A 138 -9.20 -18.99 -21.86
C ILE A 138 -8.37 -19.72 -20.80
N CYS A 139 -7.05 -19.81 -21.02
CA CYS A 139 -6.12 -20.41 -20.04
C CYS A 139 -5.89 -19.53 -18.79
N SER A 140 -6.28 -18.26 -18.84
CA SER A 140 -6.00 -17.30 -17.77
C SER A 140 -6.90 -17.38 -16.55
N SER A 141 -8.08 -18.00 -16.68
CA SER A 141 -9.06 -17.99 -15.59
C SER A 141 -8.49 -18.67 -14.35
N ASN A 142 -8.59 -17.97 -13.22
CA ASN A 142 -8.14 -18.48 -11.91
C ASN A 142 -6.70 -18.98 -11.98
N ASN A 143 -5.83 -18.14 -12.54
CA ASN A 143 -4.48 -18.56 -12.91
C ASN A 143 -3.50 -17.41 -12.77
N ASN A 144 -2.20 -17.72 -12.74
CA ASN A 144 -1.13 -16.71 -12.71
C ASN A 144 -0.26 -16.76 -13.95
N ILE A 145 0.57 -15.73 -14.12
CA ILE A 145 1.43 -15.58 -15.31
C ILE A 145 2.33 -16.79 -15.56
N ALA A 146 2.93 -17.32 -14.49
CA ALA A 146 3.82 -18.48 -14.61
C ALA A 146 3.09 -19.68 -15.19
N ARG A 147 1.99 -20.05 -14.53
CA ARG A 147 1.19 -21.21 -14.93
C ARG A 147 0.56 -21.04 -16.32
N ILE A 148 0.09 -19.83 -16.61
CA ILE A 148 -0.46 -19.52 -17.94
C ILE A 148 0.62 -19.67 -19.00
N THR A 149 1.80 -19.11 -18.75
CA THR A 149 2.95 -19.21 -19.67
C THR A 149 3.32 -20.67 -19.97
N GLY A 150 3.23 -21.53 -18.96
CA GLY A 150 3.46 -22.96 -19.15
C GLY A 150 2.43 -23.60 -20.06
N MET A 151 1.15 -23.44 -19.72
CA MET A 151 0.06 -24.04 -20.49
C MET A 151 0.11 -23.67 -21.97
N VAL A 152 0.35 -22.40 -22.26
CA VAL A 152 0.44 -21.90 -23.63
C VAL A 152 1.69 -22.44 -24.35
N GLU A 153 2.81 -22.52 -23.63
CA GLU A 153 4.04 -23.10 -24.19
C GLU A 153 3.86 -24.58 -24.58
N ARG A 154 3.28 -25.35 -23.66
CA ARG A 154 3.04 -26.77 -23.90
C ARG A 154 1.98 -27.00 -25.00
N LEU A 155 0.95 -26.14 -25.02
CA LEU A 155 -0.09 -26.19 -26.05
C LEU A 155 0.47 -26.00 -27.45
N CYS A 156 1.34 -25.00 -27.61
CA CYS A 156 1.99 -24.72 -28.90
C CYS A 156 2.96 -25.82 -29.33
N GLN A 157 3.68 -26.42 -28.38
CA GLN A 157 4.56 -27.56 -28.68
C GLN A 157 3.76 -28.76 -29.20
N ALA A 158 2.64 -29.06 -28.55
CA ALA A 158 1.80 -30.22 -28.88
C ALA A 158 1.00 -30.06 -30.17
N PHE A 159 0.46 -28.86 -30.41
CA PHE A 159 -0.44 -28.61 -31.54
C PHE A 159 0.09 -27.73 -32.66
N GLY A 160 1.12 -26.94 -32.38
CA GLY A 160 1.59 -25.93 -33.31
C GLY A 160 2.80 -26.37 -34.11
N PRO A 161 3.03 -25.75 -35.28
CA PRO A 161 4.18 -26.13 -36.11
C PRO A 161 5.48 -25.60 -35.54
N ARG A 162 6.51 -26.45 -35.52
CA ARG A 162 7.84 -26.08 -35.03
C ARG A 162 8.47 -25.05 -35.96
N LEU A 163 9.16 -24.09 -35.37
CA LEU A 163 9.83 -23.02 -36.10
C LEU A 163 11.35 -23.22 -36.08
N ILE A 164 11.94 -23.23 -34.88
CA ILE A 164 13.39 -23.35 -34.71
C ILE A 164 13.75 -23.70 -33.27
N GLN A 165 14.93 -24.29 -33.08
CA GLN A 165 15.53 -24.43 -31.75
C GLN A 165 16.65 -23.41 -31.57
N LEU A 166 16.68 -22.79 -30.39
CA LEU A 166 17.81 -21.96 -29.95
C LEU A 166 18.16 -22.43 -28.54
N ASP A 167 19.41 -22.87 -28.35
CA ASP A 167 19.86 -23.53 -27.11
C ASP A 167 18.96 -24.76 -26.81
N ASP A 168 18.37 -24.86 -25.61
CA ASP A 168 17.42 -25.93 -25.29
C ASP A 168 15.96 -25.60 -25.69
N VAL A 169 15.70 -24.32 -25.99
CA VAL A 169 14.34 -23.83 -26.21
C VAL A 169 13.89 -24.10 -27.65
N THR A 170 12.85 -24.92 -27.81
CA THR A 170 12.24 -25.19 -29.11
C THR A 170 11.01 -24.29 -29.30
N TYR A 171 10.96 -23.58 -30.42
CA TYR A 171 9.93 -22.56 -30.68
C TYR A 171 8.86 -23.05 -31.66
N HIS A 172 7.59 -22.91 -31.27
CA HIS A 172 6.44 -23.35 -32.07
C HIS A 172 5.46 -22.21 -32.32
N GLY A 173 4.95 -22.12 -33.54
CA GLY A 173 3.88 -21.16 -33.88
C GLY A 173 2.57 -21.55 -33.22
N PHE A 174 1.65 -20.61 -33.11
CA PHE A 174 0.39 -20.89 -32.44
C PHE A 174 -0.44 -21.80 -33.36
N PRO A 175 -1.13 -22.80 -32.80
CA PRO A 175 -1.88 -23.71 -33.67
C PRO A 175 -3.05 -23.03 -34.37
N ASN A 176 -3.38 -23.51 -35.56
CA ASN A 176 -4.63 -23.11 -36.20
C ASN A 176 -5.81 -23.73 -35.45
N LEU A 177 -6.99 -23.20 -35.71
CA LEU A 177 -8.20 -23.62 -35.00
C LEU A 177 -8.55 -25.08 -35.25
N HIS A 178 -8.34 -25.56 -36.48
CA HIS A 178 -8.61 -26.97 -36.79
C HIS A 178 -7.82 -27.96 -35.91
N ALA A 179 -6.59 -27.60 -35.55
CA ALA A 179 -5.76 -28.44 -34.69
C ALA A 179 -6.31 -28.58 -33.26
N LEU A 180 -6.86 -27.49 -32.72
CA LEU A 180 -7.40 -27.48 -31.36
C LEU A 180 -8.82 -28.06 -31.25
N ALA A 181 -9.53 -28.16 -32.38
CA ALA A 181 -10.93 -28.62 -32.40
C ALA A 181 -11.13 -30.14 -32.52
N GLY A 182 -10.05 -30.92 -32.67
CA GLY A 182 -10.17 -32.35 -32.97
C GLY A 182 -10.66 -33.19 -31.80
N PRO A 183 -11.08 -34.45 -32.08
CA PRO A 183 -11.71 -35.31 -31.06
C PRO A 183 -10.80 -35.79 -29.92
N GLU A 184 -9.48 -35.68 -30.08
CA GLU A 184 -8.54 -36.01 -29.00
C GLU A 184 -8.02 -34.80 -28.22
N ALA A 185 -8.29 -33.59 -28.72
CA ALA A 185 -7.69 -32.36 -28.18
C ALA A 185 -7.96 -32.12 -26.69
N GLU A 186 -9.17 -32.40 -26.22
CA GLU A 186 -9.48 -32.23 -24.79
C GLU A 186 -8.62 -33.16 -23.90
N THR A 187 -8.51 -34.43 -24.29
CA THR A 187 -7.75 -35.41 -23.51
C THR A 187 -6.26 -35.10 -23.48
N HIS A 188 -5.74 -34.63 -24.62
CA HIS A 188 -4.34 -34.20 -24.73
C HIS A 188 -4.11 -32.97 -23.85
N LEU A 189 -4.96 -31.96 -24.00
CA LEU A 189 -4.82 -30.70 -23.24
C LEU A 189 -4.97 -30.90 -21.73
N ARG A 190 -5.80 -31.86 -21.30
CA ARG A 190 -5.91 -32.20 -19.86
C ARG A 190 -4.61 -32.81 -19.33
N LYS A 191 -3.98 -33.63 -20.17
CA LYS A 191 -2.69 -34.25 -19.87
C LYS A 191 -1.59 -33.18 -19.76
N LEU A 192 -1.66 -32.16 -20.61
CA LEU A 192 -0.74 -31.01 -20.56
C LEU A 192 -0.97 -30.00 -19.41
N GLY A 193 -1.98 -30.23 -18.55
CA GLY A 193 -2.13 -29.49 -17.29
C GLY A 193 -3.23 -28.43 -17.19
N LEU A 194 -4.01 -28.27 -18.26
CA LEU A 194 -5.02 -27.20 -18.35
C LEU A 194 -6.25 -27.43 -17.45
N GLY A 195 -6.52 -28.69 -17.09
CA GLY A 195 -7.67 -29.01 -16.24
C GLY A 195 -8.98 -28.74 -16.94
N TYR A 196 -9.93 -28.13 -16.23
CA TYR A 196 -11.22 -27.73 -16.78
C TYR A 196 -11.12 -26.83 -18.03
N ARG A 197 -10.06 -26.04 -18.10
CA ARG A 197 -9.84 -25.11 -19.23
C ARG A 197 -9.63 -25.85 -20.56
N ALA A 198 -9.18 -27.11 -20.48
CA ALA A 198 -9.05 -27.98 -21.67
C ALA A 198 -10.33 -28.10 -22.49
N ARG A 199 -11.46 -28.24 -21.81
N ARG A 199 -11.47 -28.24 -21.82
CA ARG A 199 -12.75 -28.38 -22.47
CA ARG A 199 -12.76 -28.37 -22.52
C ARG A 199 -13.15 -27.12 -23.27
C ARG A 199 -13.12 -27.11 -23.29
N TYR A 200 -12.96 -25.95 -22.65
CA TYR A 200 -13.29 -24.67 -23.27
C TYR A 200 -12.41 -24.34 -24.48
N VAL A 201 -11.15 -24.75 -24.44
CA VAL A 201 -10.23 -24.58 -25.57
C VAL A 201 -10.72 -25.37 -26.78
N ARG A 202 -10.98 -26.66 -26.60
CA ARG A 202 -11.52 -27.49 -27.70
C ARG A 202 -12.87 -26.96 -28.18
N ALA A 203 -13.75 -26.69 -27.23
CA ALA A 203 -15.10 -26.25 -27.54
C ALA A 203 -15.11 -24.93 -28.34
N SER A 204 -14.31 -23.96 -27.94
CA SER A 204 -14.27 -22.66 -28.62
C SER A 204 -13.66 -22.75 -30.02
N ALA A 205 -12.59 -23.52 -30.16
CA ALA A 205 -12.03 -23.87 -31.47
C ALA A 205 -13.09 -24.46 -32.39
N LYS A 206 -13.80 -25.46 -31.89
CA LYS A 206 -14.86 -26.11 -32.67
C LYS A 206 -16.00 -25.14 -32.99
N ALA A 207 -16.34 -24.27 -32.03
CA ALA A 207 -17.43 -23.30 -32.22
C ALA A 207 -17.07 -22.20 -33.23
N ILE A 208 -15.85 -21.67 -33.19
CA ILE A 208 -15.48 -20.63 -34.17
C ILE A 208 -15.55 -21.17 -35.60
N LEU A 209 -15.01 -22.38 -35.82
CA LEU A 209 -15.13 -23.08 -37.13
C LEU A 209 -16.57 -23.25 -37.61
N GLU A 210 -17.34 -24.01 -36.84
CA GLU A 210 -18.66 -24.48 -37.26
C GLU A 210 -19.73 -23.42 -37.12
N GLU A 211 -19.78 -22.74 -35.97
CA GLU A 211 -20.81 -21.73 -35.70
C GLU A 211 -20.47 -20.32 -36.22
N GLN A 212 -19.20 -20.02 -36.47
CA GLN A 212 -18.82 -18.68 -36.93
C GLN A 212 -17.98 -18.61 -38.23
N GLY A 213 -17.46 -19.74 -38.70
CA GLY A 213 -16.80 -19.79 -40.01
C GLY A 213 -15.31 -19.47 -40.02
N GLY A 214 -14.60 -19.87 -38.97
CA GLY A 214 -13.14 -19.79 -38.97
C GLY A 214 -12.58 -18.43 -38.63
N PRO A 215 -11.26 -18.22 -38.88
CA PRO A 215 -10.56 -17.02 -38.42
C PRO A 215 -11.02 -15.70 -39.04
N ALA A 216 -11.66 -15.75 -40.20
CA ALA A 216 -12.24 -14.56 -40.83
C ALA A 216 -13.25 -13.85 -39.92
N TRP A 217 -13.98 -14.62 -39.12
CA TRP A 217 -14.90 -14.08 -38.11
C TRP A 217 -14.21 -13.16 -37.11
N LEU A 218 -13.05 -13.55 -36.63
CA LEU A 218 -12.28 -12.73 -35.69
C LEU A 218 -11.84 -11.42 -36.34
N GLN A 219 -11.44 -11.48 -37.60
CA GLN A 219 -11.14 -10.27 -38.38
C GLN A 219 -12.37 -9.38 -38.59
N GLN A 220 -13.54 -9.99 -38.79
CA GLN A 220 -14.81 -9.21 -38.83
C GLN A 220 -15.00 -8.45 -37.51
N LEU A 221 -14.70 -9.11 -36.38
CA LEU A 221 -14.81 -8.46 -35.07
C LEU A 221 -13.79 -7.33 -34.86
N ARG A 222 -12.64 -7.38 -35.54
CA ARG A 222 -11.69 -6.24 -35.57
C ARG A 222 -12.33 -4.95 -36.08
N VAL A 223 -13.16 -5.06 -37.12
CA VAL A 223 -13.80 -3.90 -37.73
C VAL A 223 -15.22 -3.64 -37.21
N ALA A 224 -15.82 -4.62 -36.52
CA ALA A 224 -17.10 -4.42 -35.84
C ALA A 224 -16.96 -3.45 -34.65
N PRO A 225 -18.07 -2.80 -34.24
CA PRO A 225 -18.00 -1.96 -33.03
C PRO A 225 -17.78 -2.78 -31.75
N TYR A 226 -17.25 -2.12 -30.72
CA TYR A 226 -16.81 -2.79 -29.48
C TYR A 226 -17.88 -3.69 -28.87
N GLU A 227 -19.10 -3.19 -28.80
CA GLU A 227 -20.18 -3.88 -28.08
C GLU A 227 -20.71 -5.07 -28.87
N GLU A 228 -20.75 -4.97 -30.20
CA GLU A 228 -21.10 -6.13 -31.04
C GLU A 228 -20.06 -7.26 -30.89
N ALA A 229 -18.79 -6.91 -30.91
CA ALA A 229 -17.71 -7.88 -30.77
C ALA A 229 -17.74 -8.58 -29.42
N HIS A 230 -17.87 -7.78 -28.36
CA HIS A 230 -17.91 -8.29 -26.98
C HIS A 230 -19.05 -9.29 -26.79
N LYS A 231 -20.23 -8.97 -27.33
CA LYS A 231 -21.39 -9.86 -27.26
C LYS A 231 -21.17 -11.15 -28.05
N ALA A 232 -20.56 -11.06 -29.22
CA ALA A 232 -20.28 -12.23 -30.07
C ALA A 232 -19.30 -13.20 -29.41
N LEU A 233 -18.20 -12.66 -28.89
CA LEU A 233 -17.21 -13.45 -28.17
C LEU A 233 -17.78 -14.12 -26.92
N CYS A 234 -18.74 -13.46 -26.25
CA CYS A 234 -19.36 -14.03 -25.04
C CYS A 234 -20.25 -15.25 -25.33
N THR A 235 -20.59 -15.52 -26.59
CA THR A 235 -21.27 -16.77 -26.95
C THR A 235 -20.34 -18.00 -26.95
N LEU A 236 -19.02 -17.81 -26.88
CA LEU A 236 -18.08 -18.93 -26.93
C LEU A 236 -17.88 -19.63 -25.57
N PRO A 237 -17.74 -20.98 -25.58
CA PRO A 237 -17.40 -21.75 -24.37
C PRO A 237 -16.16 -21.22 -23.61
N GLY A 238 -16.35 -20.90 -22.33
CA GLY A 238 -15.26 -20.36 -21.49
C GLY A 238 -14.87 -18.91 -21.72
N VAL A 239 -15.65 -18.17 -22.51
CA VAL A 239 -15.40 -16.75 -22.75
C VAL A 239 -16.53 -15.95 -22.14
N GLY A 240 -16.27 -15.31 -20.99
CA GLY A 240 -17.19 -14.37 -20.36
C GLY A 240 -16.74 -12.93 -20.57
N ALA A 241 -17.27 -12.03 -19.74
CA ALA A 241 -17.03 -10.59 -19.93
C ALA A 241 -15.56 -10.21 -19.83
N LYS A 242 -14.85 -10.74 -18.84
CA LYS A 242 -13.43 -10.43 -18.62
C LYS A 242 -12.53 -10.90 -19.78
N VAL A 243 -12.74 -12.13 -20.26
CA VAL A 243 -11.94 -12.68 -21.36
C VAL A 243 -12.29 -12.00 -22.67
N ALA A 244 -13.60 -11.84 -22.94
CA ALA A 244 -14.07 -11.10 -24.12
C ALA A 244 -13.43 -9.72 -24.22
N ASP A 245 -13.38 -9.02 -23.08
CA ASP A 245 -12.73 -7.70 -23.01
C ASP A 245 -11.22 -7.76 -23.20
N CYS A 246 -10.55 -8.78 -22.66
CA CYS A 246 -9.12 -8.93 -22.86
C CYS A 246 -8.82 -9.04 -24.35
N ILE A 247 -9.64 -9.82 -25.05
CA ILE A 247 -9.50 -10.00 -26.50
C ILE A 247 -9.83 -8.70 -27.24
N CYS A 248 -10.94 -8.06 -26.88
CA CYS A 248 -11.33 -6.78 -27.50
C CYS A 248 -10.19 -5.79 -27.42
N LEU A 249 -9.67 -5.60 -26.21
CA LEU A 249 -8.59 -4.63 -25.99
C LEU A 249 -7.30 -4.98 -26.71
N MET A 250 -6.91 -6.25 -26.68
CA MET A 250 -5.57 -6.66 -27.05
C MET A 250 -5.44 -7.21 -28.47
N ALA A 251 -6.55 -7.51 -29.13
CA ALA A 251 -6.50 -7.98 -30.52
C ALA A 251 -7.59 -7.51 -31.47
N LEU A 252 -8.67 -6.92 -30.98
CA LEU A 252 -9.72 -6.40 -31.86
C LEU A 252 -9.76 -4.87 -31.93
N ASP A 253 -8.65 -4.22 -31.53
CA ASP A 253 -8.49 -2.76 -31.64
C ASP A 253 -9.65 -1.99 -30.99
N LYS A 254 -9.94 -2.31 -29.73
CA LYS A 254 -10.96 -1.63 -28.93
C LYS A 254 -10.28 -1.07 -27.66
N PRO A 255 -9.61 0.10 -27.78
CA PRO A 255 -8.86 0.66 -26.63
C PRO A 255 -9.71 0.99 -25.40
N GLN A 256 -11.01 1.18 -25.59
CA GLN A 256 -11.93 1.47 -24.49
C GLN A 256 -12.32 0.26 -23.62
N ALA A 257 -11.99 -0.96 -24.07
CA ALA A 257 -12.33 -2.19 -23.32
C ALA A 257 -11.51 -2.32 -22.05
N VAL A 258 -12.20 -2.52 -20.92
CA VAL A 258 -11.60 -2.55 -19.58
C VAL A 258 -11.94 -3.91 -19.00
N PRO A 259 -11.00 -4.88 -19.05
CA PRO A 259 -11.30 -6.21 -18.49
C PRO A 259 -11.45 -6.16 -16.99
N VAL A 260 -12.62 -6.54 -16.49
CA VAL A 260 -12.95 -6.41 -15.07
C VAL A 260 -13.09 -7.77 -14.38
N ASP A 261 -12.21 -7.99 -13.42
CA ASP A 261 -12.30 -9.11 -12.49
C ASP A 261 -11.72 -8.64 -11.15
N VAL A 262 -11.42 -9.56 -10.24
CA VAL A 262 -10.96 -9.22 -8.88
C VAL A 262 -9.72 -8.29 -8.82
N HIS A 263 -8.88 -8.32 -9.86
CA HIS A 263 -7.66 -7.52 -9.90
C HIS A 263 -7.90 -6.01 -10.02
N VAL A 264 -8.72 -5.56 -10.97
CA VAL A 264 -9.14 -4.14 -11.00
C VAL A 264 -10.11 -3.80 -9.88
N TRP A 265 -10.86 -4.78 -9.38
CA TRP A 265 -11.70 -4.55 -8.21
C TRP A 265 -10.87 -4.07 -7.03
N GLN A 266 -9.78 -4.79 -6.76
CA GLN A 266 -8.88 -4.45 -5.68
C GLN A 266 -8.28 -3.05 -5.89
N ILE A 267 -7.73 -2.83 -7.09
CA ILE A 267 -7.17 -1.52 -7.47
C ILE A 267 -8.22 -0.39 -7.41
N ALA A 268 -9.41 -0.63 -7.93
CA ALA A 268 -10.48 0.38 -7.92
C ALA A 268 -10.86 0.79 -6.51
N HIS A 269 -11.03 -0.19 -5.64
CA HIS A 269 -11.41 0.05 -4.26
C HIS A 269 -10.26 0.66 -3.45
N ARG A 270 -9.11 -0.02 -3.45
CA ARG A 270 -7.98 0.41 -2.64
C ARG A 270 -7.42 1.76 -3.08
N ASP A 271 -7.29 1.96 -4.39
CA ASP A 271 -6.61 3.13 -4.95
C ASP A 271 -7.53 4.25 -5.47
N TYR A 272 -8.81 3.98 -5.70
CA TYR A 272 -9.79 5.03 -6.11
C TYR A 272 -10.95 5.20 -5.14
N GLY A 273 -11.05 4.38 -4.11
CA GLY A 273 -12.18 4.43 -3.20
C GLY A 273 -13.51 4.08 -3.84
N TRP A 274 -13.47 3.29 -4.92
CA TRP A 274 -14.67 2.98 -5.67
C TRP A 274 -15.48 1.89 -4.98
N HIS A 275 -16.80 2.08 -4.96
CA HIS A 275 -17.76 1.07 -4.52
C HIS A 275 -18.88 1.10 -5.54
N PRO A 276 -19.54 -0.05 -5.76
CA PRO A 276 -20.70 -0.03 -6.66
C PRO A 276 -21.88 0.69 -6.03
N LYS A 277 -22.22 1.86 -6.56
CA LYS A 277 -23.36 2.63 -6.04
C LYS A 277 -24.68 2.06 -6.55
N THR A 278 -24.82 2.02 -7.87
CA THR A 278 -26.10 1.67 -8.52
C THR A 278 -26.55 0.24 -8.18
N SER A 279 -25.59 -0.68 -8.08
CA SER A 279 -25.85 -2.05 -7.63
C SER A 279 -25.90 -2.11 -6.09
N GLN A 280 -26.67 -3.06 -5.57
CA GLN A 280 -26.89 -3.20 -4.11
C GLN A 280 -25.78 -3.96 -3.39
N ALA A 281 -25.38 -5.11 -3.97
CA ALA A 281 -24.37 -5.99 -3.34
C ALA A 281 -22.99 -5.34 -3.33
N LYS A 282 -22.28 -5.50 -2.21
CA LYS A 282 -20.98 -4.86 -2.00
C LYS A 282 -19.81 -5.57 -2.71
N GLY A 283 -20.01 -6.82 -3.13
CA GLY A 283 -18.97 -7.60 -3.82
C GLY A 283 -19.07 -7.59 -5.35
N PRO A 284 -18.24 -8.41 -6.03
CA PRO A 284 -18.34 -8.52 -7.49
C PRO A 284 -19.61 -9.21 -7.96
N SER A 285 -20.08 -8.81 -9.14
CA SER A 285 -21.22 -9.41 -9.81
C SER A 285 -21.19 -8.97 -11.28
N PRO A 286 -21.99 -9.62 -12.16
CA PRO A 286 -22.04 -9.18 -13.56
C PRO A 286 -22.39 -7.70 -13.73
N LEU A 287 -23.42 -7.25 -13.04
CA LEU A 287 -23.84 -5.84 -13.09
C LEU A 287 -22.77 -4.91 -12.52
N ALA A 288 -22.24 -5.26 -11.36
CA ALA A 288 -21.22 -4.44 -10.71
C ALA A 288 -19.94 -4.34 -11.53
N ASN A 289 -19.50 -5.47 -12.10
CA ASN A 289 -18.30 -5.49 -12.97
C ASN A 289 -18.47 -4.57 -14.17
N LYS A 290 -19.65 -4.61 -14.77
CA LYS A 290 -19.99 -3.71 -15.89
C LYS A 290 -19.86 -2.23 -15.48
N GLU A 291 -20.41 -1.89 -14.32
CA GLU A 291 -20.35 -0.52 -13.80
C GLU A 291 -18.90 -0.04 -13.61
N LEU A 292 -18.06 -0.93 -13.11
CA LEU A 292 -16.65 -0.61 -12.90
C LEU A 292 -15.91 -0.34 -14.21
N GLY A 293 -16.28 -1.05 -15.27
CA GLY A 293 -15.76 -0.78 -16.61
C GLY A 293 -16.16 0.59 -17.12
N ASN A 294 -17.43 0.93 -16.93
CA ASN A 294 -17.95 2.26 -17.28
C ASN A 294 -17.31 3.35 -16.43
N PHE A 295 -17.04 3.06 -15.15
CA PHE A 295 -16.36 4.01 -14.28
C PHE A 295 -15.01 4.43 -14.87
N PHE A 296 -14.25 3.45 -15.34
CA PHE A 296 -12.91 3.72 -15.86
C PHE A 296 -12.93 4.37 -17.25
N ARG A 297 -13.85 3.94 -18.11
CA ARG A 297 -14.05 4.62 -19.42
C ARG A 297 -14.43 6.08 -19.24
N ASN A 298 -15.40 6.32 -18.36
CA ASN A 298 -15.84 7.66 -18.02
C ASN A 298 -14.71 8.53 -17.48
N LEU A 299 -13.87 7.95 -16.63
CA LEU A 299 -12.73 8.66 -16.04
C LEU A 299 -11.62 8.96 -17.06
N TRP A 300 -11.15 7.92 -17.76
CA TRP A 300 -9.94 8.00 -18.59
C TRP A 300 -10.18 8.29 -20.07
N GLY A 301 -11.34 7.90 -20.58
CA GLY A 301 -11.72 8.19 -21.96
C GLY A 301 -11.69 6.94 -22.82
N PRO A 302 -11.60 7.13 -24.15
CA PRO A 302 -11.70 5.98 -25.07
C PRO A 302 -10.44 5.12 -25.21
N TYR A 303 -9.33 5.50 -24.56
CA TYR A 303 -8.17 4.61 -24.42
C TYR A 303 -8.05 4.06 -22.98
N ALA A 304 -9.19 3.80 -22.33
CA ALA A 304 -9.24 3.37 -20.93
C ALA A 304 -8.55 2.05 -20.64
N GLY A 305 -8.59 1.13 -21.61
CA GLY A 305 -7.90 -0.15 -21.49
C GLY A 305 -6.40 -0.04 -21.41
N TRP A 306 -5.83 0.92 -22.13
CA TRP A 306 -4.38 1.14 -22.16
C TRP A 306 -3.92 1.72 -20.84
N ALA A 307 -4.74 2.58 -20.27
CA ALA A 307 -4.50 3.13 -18.94
C ALA A 307 -4.48 2.01 -17.90
N GLN A 308 -5.44 1.10 -17.99
CA GLN A 308 -5.51 -0.08 -17.11
C GLN A 308 -4.22 -0.88 -17.14
N ALA A 309 -3.64 -1.06 -18.32
CA ALA A 309 -2.40 -1.84 -18.46
C ALA A 309 -1.25 -1.25 -17.68
N VAL A 310 -1.21 0.08 -17.60
CA VAL A 310 -0.16 0.78 -16.85
C VAL A 310 -0.27 0.44 -15.38
N LEU A 311 -1.49 0.51 -14.84
CA LEU A 311 -1.75 0.15 -13.44
C LEU A 311 -1.47 -1.31 -13.15
N PHE A 312 -1.92 -2.19 -14.05
CA PHE A 312 -1.63 -3.64 -13.95
C PHE A 312 -0.14 -3.91 -13.94
N SER A 313 0.58 -3.31 -14.89
CA SER A 313 2.03 -3.42 -14.97
C SER A 313 2.70 -2.93 -13.68
N ALA A 314 2.15 -1.90 -13.05
CA ALA A 314 2.64 -1.43 -11.75
C ALA A 314 2.26 -2.36 -10.60
N ASP A 315 1.06 -2.94 -10.65
CA ASP A 315 0.58 -3.86 -9.60
C ASP A 315 1.29 -5.22 -9.63
N LEU A 316 1.86 -5.59 -10.78
CA LEU A 316 2.67 -6.82 -10.89
C LEU A 316 4.08 -6.65 -10.31
N ARG A 317 4.69 -5.48 -10.50
CA ARG A 317 5.99 -5.15 -9.90
C ARG A 317 5.83 -4.64 -8.46
N GLN A 318 5.82 -5.58 -7.50
CA GLN A 318 5.72 -5.30 -6.06
C GLN A 318 4.71 -4.20 -5.68
N HIS B 3 24.07 42.17 -10.55
CA HIS B 3 23.40 40.96 -10.00
C HIS B 3 24.26 40.31 -8.90
N MET B 4 23.63 39.97 -7.78
CA MET B 4 24.28 39.26 -6.67
C MET B 4 24.14 37.75 -6.90
N ARG B 5 24.76 36.92 -6.06
CA ARG B 5 24.71 35.46 -6.21
C ARG B 5 24.02 34.71 -5.06
N HIS B 6 23.56 33.49 -5.36
CA HIS B 6 22.95 32.59 -4.37
C HIS B 6 24.01 32.08 -3.39
N ARG B 7 23.81 32.40 -2.11
CA ARG B 7 24.80 32.10 -1.07
C ARG B 7 24.75 30.64 -0.63
N THR B 8 25.90 30.13 -0.18
CA THR B 8 26.00 28.87 0.55
C THR B 8 26.68 29.16 1.89
N LEU B 9 26.75 28.15 2.76
CA LEU B 9 27.31 28.32 4.11
C LEU B 9 28.82 28.52 4.04
N SER B 10 29.49 27.69 3.24
CA SER B 10 30.94 27.80 3.04
C SER B 10 31.35 29.03 2.22
N SER B 11 30.54 29.40 1.23
CA SER B 11 30.87 30.50 0.30
C SER B 11 30.78 31.90 0.91
N SER B 12 29.88 32.10 1.86
CA SER B 12 29.60 33.44 2.41
C SER B 12 29.36 33.40 3.93
N PRO B 13 30.26 32.71 4.68
CA PRO B 13 30.04 32.29 6.07
C PRO B 13 29.76 33.39 7.09
N ALA B 14 30.25 34.60 6.83
CA ALA B 14 29.99 35.76 7.69
C ALA B 14 28.50 36.12 7.74
N LEU B 15 27.85 36.17 6.57
CA LEU B 15 26.49 36.71 6.44
C LEU B 15 25.32 35.81 6.93
N TRP B 16 25.62 34.61 7.46
CA TRP B 16 24.59 33.71 8.01
C TRP B 16 24.39 33.88 9.52
N ALA B 17 23.16 34.20 9.93
CA ALA B 17 22.74 34.12 11.35
C ALA B 17 22.14 32.73 11.62
N SER B 18 21.76 32.47 12.86
CA SER B 18 21.17 31.17 13.22
C SER B 18 20.24 31.22 14.42
N ILE B 19 19.25 30.32 14.41
CA ILE B 19 18.33 30.10 15.52
C ILE B 19 18.45 28.63 15.89
N PRO B 20 18.62 28.30 17.20
CA PRO B 20 18.70 26.89 17.58
C PRO B 20 17.35 26.20 17.39
N CYS B 21 17.37 25.07 16.68
CA CYS B 21 16.15 24.40 16.24
C CYS B 21 16.50 23.00 15.77
N PRO B 22 16.22 21.96 16.59
CA PRO B 22 16.66 20.61 16.23
C PRO B 22 15.94 20.06 14.99
N ARG B 23 16.57 19.11 14.30
CA ARG B 23 16.04 18.56 13.04
C ARG B 23 14.67 17.88 13.22
N SER B 24 14.39 17.37 14.41
CA SER B 24 13.09 16.78 14.74
C SER B 24 11.94 17.78 14.83
N GLU B 25 12.24 19.06 15.04
CA GLU B 25 11.22 20.12 15.09
C GLU B 25 10.95 20.76 13.72
N LEU B 26 11.85 20.58 12.77
CA LEU B 26 11.70 21.12 11.43
C LEU B 26 12.69 20.47 10.48
N ARG B 27 12.18 19.91 9.39
CA ARG B 27 12.98 19.49 8.24
C ARG B 27 12.54 20.32 7.05
N LEU B 28 13.43 21.20 6.57
CA LEU B 28 13.13 22.15 5.50
C LEU B 28 12.77 21.49 4.17
N ASP B 29 13.40 20.35 3.89
CA ASP B 29 13.08 19.53 2.71
C ASP B 29 11.64 18.99 2.70
N LEU B 30 11.16 18.51 3.85
CA LEU B 30 9.78 18.01 3.96
C LEU B 30 8.72 19.11 4.04
N VAL B 31 9.12 20.34 4.39
CA VAL B 31 8.15 21.43 4.66
C VAL B 31 8.04 22.44 3.53
N LEU B 32 9.17 22.91 3.02
CA LEU B 32 9.19 23.94 1.97
C LEU B 32 8.81 23.42 0.57
N ALA B 33 8.73 22.09 0.40
CA ALA B 33 8.34 21.46 -0.86
C ALA B 33 7.06 20.60 -0.81
N SER B 34 6.31 20.65 0.30
CA SER B 34 5.16 19.73 0.51
C SER B 34 3.78 20.30 0.08
N GLY B 35 3.79 21.35 -0.74
CA GLY B 35 2.56 21.95 -1.22
C GLY B 35 1.84 22.83 -0.21
N GLN B 36 2.59 23.48 0.68
CA GLN B 36 2.07 24.57 1.52
C GLN B 36 2.42 25.90 0.87
N SER B 37 3.71 26.07 0.61
CA SER B 37 4.24 27.20 -0.13
C SER B 37 4.77 26.64 -1.43
N PHE B 38 4.75 27.46 -2.46
CA PHE B 38 5.27 27.09 -3.78
C PHE B 38 6.45 27.98 -4.20
N ARG B 39 6.93 28.83 -3.27
CA ARG B 39 7.87 29.92 -3.56
C ARG B 39 9.30 29.65 -3.05
N TRP B 40 9.58 28.43 -2.61
CA TRP B 40 10.90 28.05 -2.11
C TRP B 40 11.54 27.06 -3.09
N LYS B 41 12.82 27.24 -3.37
CA LYS B 41 13.54 26.39 -4.34
C LYS B 41 14.91 26.03 -3.80
N GLU B 42 15.27 24.75 -3.91
CA GLU B 42 16.58 24.27 -3.48
C GLU B 42 17.62 24.58 -4.56
N GLN B 43 18.03 25.85 -4.62
CA GLN B 43 18.92 26.33 -5.68
C GLN B 43 20.35 25.80 -5.59
N SER B 44 20.72 25.20 -4.46
CA SER B 44 21.91 24.35 -4.37
C SER B 44 21.70 23.30 -3.25
N PRO B 45 22.47 22.19 -3.25
CA PRO B 45 22.29 21.08 -2.31
C PRO B 45 22.16 21.48 -0.82
N ALA B 46 20.95 21.30 -0.28
CA ALA B 46 20.60 21.63 1.11
C ALA B 46 20.46 23.13 1.43
N HIS B 47 20.19 23.95 0.40
CA HIS B 47 20.02 25.40 0.56
C HIS B 47 18.78 25.91 -0.18
N TRP B 48 17.77 26.32 0.59
CA TRP B 48 16.45 26.71 0.06
C TRP B 48 16.31 28.21 0.04
N SER B 49 15.93 28.77 -1.11
CA SER B 49 15.83 30.23 -1.27
C SER B 49 14.44 30.64 -1.72
N GLY B 50 13.92 31.74 -1.16
CA GLY B 50 12.58 32.23 -1.50
C GLY B 50 12.27 33.60 -0.91
N VAL B 51 11.01 34.04 -1.08
CA VAL B 51 10.58 35.38 -0.73
C VAL B 51 9.63 35.37 0.47
N LEU B 52 9.73 36.42 1.30
CA LEU B 52 8.84 36.63 2.45
C LEU B 52 8.69 38.13 2.66
N ALA B 53 7.45 38.59 2.85
CA ALA B 53 7.14 39.99 3.18
C ALA B 53 7.86 41.02 2.29
N ASP B 54 8.00 40.68 1.00
CA ASP B 54 8.73 41.50 0.02
C ASP B 54 10.23 41.67 0.35
N GLN B 55 10.86 40.56 0.72
CA GLN B 55 12.32 40.44 0.90
C GLN B 55 12.74 39.01 0.59
N VAL B 56 13.95 38.82 0.08
CA VAL B 56 14.44 37.50 -0.33
C VAL B 56 15.30 36.86 0.77
N TRP B 57 15.24 35.54 0.86
CA TRP B 57 15.96 34.76 1.88
C TRP B 57 16.60 33.52 1.28
N THR B 58 17.63 32.99 1.97
CA THR B 58 18.11 31.61 1.76
C THR B 58 18.26 30.93 3.12
N LEU B 59 17.91 29.63 3.18
CA LEU B 59 17.86 28.87 4.42
C LEU B 59 18.59 27.54 4.29
N THR B 60 19.18 27.10 5.38
CA THR B 60 19.78 25.77 5.48
C THR B 60 19.83 25.33 6.94
N GLN B 61 20.10 24.04 7.17
CA GLN B 61 20.09 23.50 8.53
C GLN B 61 21.11 22.38 8.75
N THR B 62 21.62 22.33 9.97
CA THR B 62 22.41 21.21 10.47
C THR B 62 21.49 20.42 11.40
N GLU B 63 22.04 19.40 12.05
CA GLU B 63 21.29 18.59 13.02
C GLU B 63 20.63 19.44 14.12
N ASP B 64 21.34 20.47 14.60
CA ASP B 64 20.91 21.23 15.77
C ASP B 64 20.43 22.67 15.48
N GLN B 65 20.86 23.29 14.37
CA GLN B 65 20.56 24.69 14.10
C GLN B 65 19.93 24.96 12.72
N LEU B 66 19.27 26.12 12.63
CA LEU B 66 18.62 26.60 11.41
C LEU B 66 19.35 27.86 10.92
N TYR B 67 20.29 27.67 9.99
CA TYR B 67 21.04 28.80 9.43
C TYR B 67 20.22 29.51 8.35
N CYS B 68 20.33 30.83 8.32
CA CYS B 68 19.62 31.65 7.35
C CYS B 68 20.45 32.85 6.94
N THR B 69 20.01 33.52 5.87
CA THR B 69 20.65 34.73 5.37
C THR B 69 19.68 35.50 4.46
N VAL B 70 19.71 36.83 4.54
CA VAL B 70 18.73 37.68 3.88
C VAL B 70 19.39 38.58 2.83
N TYR B 71 18.63 38.97 1.80
CA TYR B 71 19.06 39.89 0.75
C TYR B 71 18.05 41.04 0.75
N ARG B 72 18.48 42.23 1.20
CA ARG B 72 17.54 43.32 1.55
C ARG B 72 16.96 44.10 0.36
N GLY B 73 17.75 44.28 -0.69
CA GLY B 73 17.30 45.00 -1.89
C GLY B 73 18.44 45.66 -2.64
N ASP B 74 18.15 46.83 -3.21
CA ASP B 74 19.17 47.69 -3.82
C ASP B 74 19.74 48.71 -2.81
N ASP B 75 19.35 48.58 -1.54
CA ASP B 75 19.80 49.49 -0.46
C ASP B 75 21.31 49.39 -0.19
N SER B 76 21.90 48.25 -0.55
CA SER B 76 23.37 48.05 -0.57
C SER B 76 24.03 48.07 0.83
N GLN B 77 23.31 47.57 1.84
CA GLN B 77 23.82 47.47 3.21
C GLN B 77 24.71 46.24 3.36
N VAL B 78 24.22 45.10 2.86
CA VAL B 78 24.98 43.83 2.77
C VAL B 78 25.41 43.31 4.16
N SER B 79 24.43 43.18 5.05
CA SER B 79 24.65 42.64 6.40
C SER B 79 23.81 41.40 6.66
N ARG B 80 24.19 40.64 7.69
CA ARG B 80 23.44 39.46 8.15
C ARG B 80 22.00 39.79 8.60
N PRO B 81 21.15 38.76 8.83
CA PRO B 81 19.77 39.05 9.24
C PRO B 81 19.68 39.73 10.60
N THR B 82 18.80 40.73 10.71
CA THR B 82 18.57 41.43 11.97
C THR B 82 17.73 40.58 12.92
N LEU B 83 17.62 41.06 14.15
CA LEU B 83 16.77 40.44 15.18
C LEU B 83 15.29 40.40 14.78
N GLU B 84 14.83 41.50 14.17
CA GLU B 84 13.43 41.66 13.76
C GLU B 84 13.09 40.64 12.67
N GLU B 85 14.01 40.53 11.71
CA GLU B 85 13.86 39.62 10.57
C GLU B 85 14.03 38.16 10.97
N LEU B 86 14.89 37.90 11.96
CA LEU B 86 15.03 36.55 12.54
C LEU B 86 13.78 36.13 13.30
N GLU B 87 13.12 37.08 13.96
CA GLU B 87 11.88 36.81 14.67
C GLU B 87 10.70 36.60 13.71
N THR B 88 10.79 37.18 12.51
CA THR B 88 9.84 36.90 11.42
C THR B 88 9.93 35.45 10.96
N LEU B 89 11.17 34.98 10.75
CA LEU B 89 11.43 33.60 10.36
C LEU B 89 11.05 32.58 11.44
N HIS B 90 11.08 33.01 12.71
CA HIS B 90 10.58 32.20 13.84
C HIS B 90 9.05 32.05 13.77
N LYS B 91 8.34 33.15 13.53
CA LYS B 91 6.87 33.17 13.47
C LYS B 91 6.31 32.49 12.20
N TYR B 92 7.03 32.61 11.09
CA TYR B 92 6.69 31.94 9.84
C TYR B 92 6.70 30.42 9.99
N PHE B 93 7.64 29.91 10.77
CA PHE B 93 7.75 28.47 11.06
C PHE B 93 7.01 28.02 12.33
N GLN B 94 6.37 28.96 13.04
CA GLN B 94 5.55 28.65 14.22
C GLN B 94 6.30 27.79 15.24
N LEU B 95 7.52 28.21 15.57
CA LEU B 95 8.42 27.40 16.40
C LEU B 95 8.09 27.43 17.90
N ASP B 96 7.17 28.30 18.32
CA ASP B 96 6.58 28.21 19.68
C ASP B 96 5.82 26.89 19.90
N VAL B 97 5.30 26.30 18.81
CA VAL B 97 4.53 25.06 18.87
C VAL B 97 5.47 23.86 18.97
N SER B 98 5.36 23.10 20.06
CA SER B 98 6.16 21.89 20.24
C SER B 98 5.63 20.79 19.34
N LEU B 99 6.41 20.46 18.32
CA LEU B 99 6.07 19.39 17.39
C LEU B 99 6.32 18.01 17.99
N ALA B 100 7.19 17.92 19.00
CA ALA B 100 7.41 16.66 19.73
C ALA B 100 6.15 16.24 20.49
N GLN B 101 5.50 17.21 21.15
CA GLN B 101 4.26 16.98 21.89
C GLN B 101 3.08 16.62 20.98
N LEU B 102 3.01 17.24 19.80
CA LEU B 102 1.95 16.95 18.84
C LEU B 102 2.08 15.54 18.26
N TYR B 103 3.28 15.20 17.78
CA TYR B 103 3.56 13.86 17.26
C TYR B 103 3.33 12.77 18.31
N SER B 104 3.55 13.11 19.58
CA SER B 104 3.30 12.19 20.69
C SER B 104 1.80 11.95 20.87
N HIS B 105 1.02 13.03 20.90
CA HIS B 105 -0.44 12.94 21.07
C HIS B 105 -1.12 12.16 19.95
N TRP B 106 -0.71 12.45 18.71
CA TRP B 106 -1.32 11.81 17.54
C TRP B 106 -0.99 10.34 17.47
N ALA B 107 0.27 10.00 17.67
CA ALA B 107 0.70 8.59 17.72
C ALA B 107 -0.05 7.76 18.77
N SER B 108 -0.42 8.38 19.89
CA SER B 108 -1.14 7.68 20.97
C SER B 108 -2.59 7.34 20.59
N VAL B 109 -3.24 8.23 19.83
CA VAL B 109 -4.63 8.03 19.40
C VAL B 109 -4.79 7.50 17.95
N ASP B 110 -3.69 7.15 17.29
CA ASP B 110 -3.71 6.80 15.87
C ASP B 110 -2.50 5.92 15.54
N SER B 111 -2.73 4.62 15.41
CA SER B 111 -1.66 3.65 15.09
C SER B 111 -1.08 3.82 13.67
N HIS B 112 -1.92 4.21 12.72
CA HIS B 112 -1.46 4.48 11.35
C HIS B 112 -0.45 5.62 11.35
N PHE B 113 -0.77 6.68 12.08
CA PHE B 113 0.13 7.82 12.25
C PHE B 113 1.46 7.41 12.88
N GLN B 114 1.42 6.50 13.85
CA GLN B 114 2.64 6.01 14.49
C GLN B 114 3.62 5.39 13.48
N ARG B 115 3.12 4.54 12.59
CA ARG B 115 3.95 3.92 11.55
C ARG B 115 4.48 4.95 10.53
N VAL B 116 3.61 5.86 10.11
CA VAL B 116 3.97 6.87 9.11
C VAL B 116 4.92 7.95 9.68
N ALA B 117 4.71 8.35 10.93
CA ALA B 117 5.51 9.42 11.54
C ALA B 117 6.97 9.08 11.84
N GLN B 118 7.32 7.80 11.91
CA GLN B 118 8.69 7.38 12.22
C GLN B 118 9.73 7.80 11.18
N LYS B 119 9.32 7.87 9.91
CA LYS B 119 10.22 8.30 8.83
C LYS B 119 10.01 9.75 8.37
N PHE B 120 9.00 10.44 8.91
CA PHE B 120 8.66 11.81 8.50
C PHE B 120 8.54 12.72 9.71
N GLN B 121 9.68 12.96 10.35
CA GLN B 121 9.81 13.85 11.50
C GLN B 121 9.93 15.28 11.02
N GLY B 122 9.58 16.22 11.88
CA GLY B 122 9.81 17.65 11.61
C GLY B 122 8.96 18.26 10.52
N VAL B 123 7.73 17.79 10.38
CA VAL B 123 6.77 18.36 9.45
C VAL B 123 5.85 19.28 10.26
N ARG B 124 5.78 20.55 9.86
CA ARG B 124 4.98 21.57 10.53
C ARG B 124 4.32 22.47 9.51
N LEU B 125 3.38 23.30 9.97
CA LEU B 125 2.66 24.23 9.11
C LEU B 125 3.31 25.61 9.13
N LEU B 126 3.47 26.19 7.94
CA LEU B 126 3.97 27.55 7.82
C LEU B 126 2.81 28.49 8.13
N ARG B 127 3.14 29.68 8.62
CA ARG B 127 2.17 30.74 8.87
C ARG B 127 2.36 31.78 7.77
N GLN B 128 1.59 31.64 6.71
CA GLN B 128 1.78 32.42 5.48
C GLN B 128 0.95 33.70 5.52
N ASP B 129 1.32 34.64 4.66
CA ASP B 129 0.50 35.84 4.43
C ASP B 129 -0.86 35.41 3.86
N PRO B 130 -1.98 35.94 4.42
CA PRO B 130 -3.30 35.60 3.89
C PRO B 130 -3.49 35.86 2.40
N THR B 131 -3.01 37.01 1.93
CA THR B 131 -3.15 37.39 0.52
C THR B 131 -2.38 36.42 -0.38
N GLU B 132 -1.11 36.17 -0.06
CA GLU B 132 -0.30 35.21 -0.83
C GLU B 132 -0.89 33.79 -0.78
N CYS B 133 -1.41 33.40 0.37
CA CYS B 133 -1.97 32.06 0.55
C CYS B 133 -3.25 31.87 -0.26
N LEU B 134 -4.13 32.86 -0.22
CA LEU B 134 -5.42 32.78 -0.91
C LEU B 134 -5.25 32.52 -2.41
N PHE B 135 -4.52 33.40 -3.10
CA PHE B 135 -4.39 33.32 -4.55
C PHE B 135 -3.51 32.18 -5.02
N SER B 136 -2.62 31.69 -4.16
CA SER B 136 -1.82 30.49 -4.48
C SER B 136 -2.67 29.22 -4.50
N PHE B 137 -3.68 29.15 -3.63
CA PHE B 137 -4.59 28.01 -3.57
C PHE B 137 -5.84 28.13 -4.46
N ILE B 138 -6.08 29.33 -5.01
CA ILE B 138 -6.97 29.48 -6.17
C ILE B 138 -6.30 28.82 -7.38
N CYS B 139 -4.98 28.99 -7.51
CA CYS B 139 -4.20 28.32 -8.55
C CYS B 139 -3.96 26.81 -8.28
N SER B 140 -4.35 26.33 -7.09
CA SER B 140 -4.29 24.91 -6.71
C SER B 140 -5.29 24.01 -7.45
N SER B 141 -6.39 24.57 -7.94
CA SER B 141 -7.50 23.80 -8.52
C SER B 141 -7.08 22.88 -9.68
N ASN B 142 -7.30 21.58 -9.51
CA ASN B 142 -6.99 20.53 -10.50
C ASN B 142 -5.52 20.60 -10.96
N ASN B 143 -4.62 20.57 -9.99
CA ASN B 143 -3.22 20.94 -10.24
C ASN B 143 -2.24 20.17 -9.36
N ASN B 144 -1.01 20.02 -9.85
CA ASN B 144 0.08 19.42 -9.07
C ASN B 144 1.12 20.47 -8.68
N ILE B 145 2.05 20.11 -7.77
CA ILE B 145 3.01 21.06 -7.19
C ILE B 145 3.78 21.83 -8.26
N ALA B 146 4.39 21.08 -9.18
CA ALA B 146 5.23 21.64 -10.24
C ALA B 146 4.52 22.75 -11.03
N ARG B 147 3.31 22.46 -11.49
CA ARG B 147 2.53 23.42 -12.28
C ARG B 147 2.04 24.62 -11.47
N ILE B 148 1.80 24.43 -10.17
CA ILE B 148 1.37 25.54 -9.29
C ILE B 148 2.53 26.50 -9.06
N THR B 149 3.71 25.95 -8.78
CA THR B 149 4.94 26.74 -8.67
C THR B 149 5.15 27.65 -9.88
N GLY B 150 4.98 27.09 -11.08
CA GLY B 150 5.06 27.84 -12.33
C GLY B 150 4.05 28.98 -12.43
N MET B 151 2.78 28.67 -12.17
CA MET B 151 1.69 29.67 -12.23
C MET B 151 1.89 30.84 -11.26
N VAL B 152 2.30 30.53 -10.03
CA VAL B 152 2.52 31.55 -9.00
C VAL B 152 3.77 32.39 -9.32
N GLU B 153 4.83 31.71 -9.79
CA GLU B 153 6.06 32.39 -10.23
C GLU B 153 5.78 33.45 -11.31
N ARG B 154 5.04 33.05 -12.34
CA ARG B 154 4.66 33.95 -13.43
C ARG B 154 3.62 35.00 -13.03
N LEU B 155 2.73 34.66 -12.10
CA LEU B 155 1.77 35.63 -11.55
C LEU B 155 2.49 36.73 -10.75
N CYS B 156 3.50 36.33 -9.98
CA CYS B 156 4.33 37.29 -9.21
C CYS B 156 5.18 38.16 -10.13
N GLN B 157 5.81 37.52 -11.11
CA GLN B 157 6.62 38.20 -12.12
C GLN B 157 5.84 39.28 -12.89
N ALA B 158 4.58 38.98 -13.23
CA ALA B 158 3.75 39.88 -14.02
C ALA B 158 3.18 41.06 -13.22
N PHE B 159 2.65 40.78 -12.03
CA PHE B 159 1.93 41.80 -11.23
C PHE B 159 2.64 42.27 -9.97
N GLY B 160 3.70 41.57 -9.56
CA GLY B 160 4.36 41.84 -8.28
C GLY B 160 5.62 42.67 -8.41
N PRO B 161 5.90 43.55 -7.42
CA PRO B 161 7.16 44.33 -7.40
C PRO B 161 8.43 43.50 -7.55
N ARG B 162 9.36 43.95 -8.39
CA ARG B 162 10.68 43.33 -8.52
C ARG B 162 11.50 43.65 -7.27
N LEU B 163 12.24 42.66 -6.78
CA LEU B 163 13.04 42.80 -5.57
C LEU B 163 14.53 42.78 -5.87
N ILE B 164 15.08 41.61 -6.19
CA ILE B 164 16.51 41.43 -6.53
C ILE B 164 16.60 40.25 -7.49
N GLN B 165 17.64 40.24 -8.33
CA GLN B 165 17.98 39.06 -9.11
C GLN B 165 19.23 38.41 -8.53
N LEU B 166 19.17 37.09 -8.34
CA LEU B 166 20.29 36.28 -7.87
C LEU B 166 20.55 35.18 -8.91
N ASP B 167 21.72 35.22 -9.55
CA ASP B 167 22.02 34.38 -10.72
C ASP B 167 20.98 34.60 -11.85
N ASP B 168 20.31 33.55 -12.32
CA ASP B 168 19.24 33.69 -13.32
C ASP B 168 17.88 34.03 -12.69
N VAL B 169 17.73 33.74 -11.39
CA VAL B 169 16.43 33.82 -10.73
C VAL B 169 16.17 35.27 -10.33
N THR B 170 15.07 35.82 -10.82
CA THR B 170 14.68 37.20 -10.55
C THR B 170 13.44 37.20 -9.66
N TYR B 171 13.65 37.50 -8.38
CA TYR B 171 12.60 37.39 -7.37
C TYR B 171 11.67 38.59 -7.40
N HIS B 172 10.37 38.31 -7.27
CA HIS B 172 9.34 39.33 -7.18
C HIS B 172 8.57 39.15 -5.89
N GLY B 173 8.07 40.25 -5.33
CA GLY B 173 7.14 40.19 -4.20
C GLY B 173 5.78 39.73 -4.66
N PHE B 174 4.94 39.29 -3.73
CA PHE B 174 3.57 38.87 -4.07
C PHE B 174 2.69 40.11 -4.19
N PRO B 175 1.98 40.27 -5.33
CA PRO B 175 1.18 41.48 -5.54
C PRO B 175 0.05 41.67 -4.53
N ASN B 176 -0.33 42.93 -4.32
CA ASN B 176 -1.49 43.27 -3.48
C ASN B 176 -2.77 43.21 -4.32
N LEU B 177 -3.90 43.47 -3.68
CA LEU B 177 -5.22 43.36 -4.32
C LEU B 177 -5.46 44.40 -5.43
N HIS B 178 -4.91 45.61 -5.24
CA HIS B 178 -5.02 46.68 -6.23
C HIS B 178 -4.39 46.30 -7.58
N ALA B 179 -3.29 45.54 -7.53
CA ALA B 179 -2.62 45.06 -8.74
C ALA B 179 -3.42 43.98 -9.48
N LEU B 180 -3.94 43.00 -8.73
CA LEU B 180 -4.66 41.86 -9.32
C LEU B 180 -6.11 42.15 -9.70
N ALA B 181 -6.70 43.22 -9.17
CA ALA B 181 -8.08 43.60 -9.47
C ALA B 181 -8.25 44.48 -10.73
N GLY B 182 -7.13 44.78 -11.43
CA GLY B 182 -7.14 45.70 -12.56
C GLY B 182 -7.81 45.16 -13.82
N PRO B 183 -8.01 46.04 -14.83
CA PRO B 183 -8.81 45.75 -16.02
C PRO B 183 -8.24 44.68 -16.95
N GLU B 184 -6.92 44.64 -17.14
CA GLU B 184 -6.25 43.61 -17.96
C GLU B 184 -5.61 42.50 -17.10
N ALA B 185 -6.20 42.21 -15.94
CA ALA B 185 -5.67 41.20 -15.02
C ALA B 185 -5.96 39.80 -15.56
N GLU B 186 -7.22 39.53 -15.87
CA GLU B 186 -7.67 38.22 -16.36
C GLU B 186 -7.03 37.84 -17.71
N THR B 187 -6.97 38.79 -18.64
CA THR B 187 -6.40 38.54 -19.98
C THR B 187 -4.90 38.21 -19.91
N HIS B 188 -4.16 38.99 -19.12
CA HIS B 188 -2.73 38.75 -18.90
C HIS B 188 -2.53 37.39 -18.23
N LEU B 189 -3.29 37.12 -17.17
CA LEU B 189 -3.20 35.83 -16.44
C LEU B 189 -3.59 34.62 -17.30
N ARG B 190 -4.54 34.78 -18.21
CA ARG B 190 -4.88 33.73 -19.20
C ARG B 190 -3.75 33.50 -20.21
N LYS B 191 -3.04 34.57 -20.57
CA LYS B 191 -1.85 34.46 -21.42
C LYS B 191 -0.67 33.80 -20.69
N LEU B 192 -0.63 33.94 -19.36
CA LEU B 192 0.37 33.25 -18.51
C LEU B 192 0.02 31.78 -18.19
N GLY B 193 -1.13 31.29 -18.67
CA GLY B 193 -1.45 29.86 -18.61
C GLY B 193 -2.18 29.39 -17.36
N LEU B 194 -2.82 30.31 -16.65
CA LEU B 194 -3.67 29.94 -15.51
C LEU B 194 -4.98 29.27 -15.96
N GLY B 195 -5.42 29.56 -17.17
CA GLY B 195 -6.69 29.05 -17.69
C GLY B 195 -7.86 29.72 -16.97
N TYR B 196 -8.81 28.91 -16.51
CA TYR B 196 -9.97 29.39 -15.73
C TYR B 196 -9.62 30.06 -14.40
N ARG B 197 -8.47 29.69 -13.83
CA ARG B 197 -8.00 30.25 -12.56
C ARG B 197 -7.79 31.76 -12.64
N ALA B 198 -7.35 32.24 -13.81
CA ALA B 198 -7.23 33.68 -14.08
C ALA B 198 -8.49 34.49 -13.76
N ARG B 199 -9.66 33.92 -14.05
CA ARG B 199 -10.94 34.56 -13.72
C ARG B 199 -11.10 34.73 -12.22
N TYR B 200 -10.86 33.64 -11.48
CA TYR B 200 -11.08 33.62 -10.03
C TYR B 200 -10.12 34.51 -9.24
N VAL B 201 -8.91 34.73 -9.77
CA VAL B 201 -7.94 35.66 -9.18
C VAL B 201 -8.48 37.09 -9.19
N ARG B 202 -8.81 37.60 -10.38
CA ARG B 202 -9.35 38.96 -10.50
C ARG B 202 -10.68 39.12 -9.78
N ALA B 203 -11.55 38.13 -9.91
CA ALA B 203 -12.89 38.18 -9.32
C ALA B 203 -12.84 38.24 -7.79
N SER B 204 -11.94 37.46 -7.19
CA SER B 204 -11.73 37.50 -5.74
C SER B 204 -11.07 38.81 -5.33
N ALA B 205 -9.97 39.16 -6.01
CA ALA B 205 -9.23 40.39 -5.74
C ALA B 205 -10.12 41.64 -5.76
N LYS B 206 -10.96 41.74 -6.80
CA LYS B 206 -11.91 42.84 -6.96
C LYS B 206 -12.97 42.87 -5.85
N ALA B 207 -13.47 41.69 -5.47
CA ALA B 207 -14.52 41.56 -4.44
C ALA B 207 -14.07 42.01 -3.05
N ILE B 208 -12.82 41.68 -2.69
CA ILE B 208 -12.29 41.97 -1.36
C ILE B 208 -12.16 43.48 -1.12
N LEU B 209 -11.57 44.18 -2.08
CA LEU B 209 -11.47 45.63 -2.03
C LEU B 209 -12.84 46.28 -1.89
N GLU B 210 -13.71 45.97 -2.85
CA GLU B 210 -14.98 46.68 -3.01
C GLU B 210 -16.04 46.27 -1.98
N GLU B 211 -16.38 44.98 -1.94
CA GLU B 211 -17.48 44.50 -1.10
C GLU B 211 -17.11 44.38 0.38
N GLN B 212 -15.92 43.86 0.67
CA GLN B 212 -15.50 43.57 2.06
C GLN B 212 -14.71 44.69 2.76
N GLY B 213 -14.44 45.80 2.07
CA GLY B 213 -13.78 46.95 2.68
C GLY B 213 -12.28 46.78 2.90
N GLY B 214 -11.56 46.39 1.85
CA GLY B 214 -10.10 46.40 1.84
C GLY B 214 -9.41 45.15 2.37
N PRO B 215 -8.05 45.10 2.26
CA PRO B 215 -7.25 43.94 2.69
C PRO B 215 -7.14 43.73 4.20
N ALA B 216 -7.57 44.72 5.00
CA ALA B 216 -7.71 44.55 6.45
C ALA B 216 -8.74 43.46 6.81
N TRP B 217 -9.66 43.18 5.89
CA TRP B 217 -10.61 42.07 6.01
C TRP B 217 -9.94 40.72 6.32
N LEU B 218 -8.86 40.42 5.61
CA LEU B 218 -8.13 39.17 5.83
C LEU B 218 -7.45 39.09 7.21
N GLN B 219 -7.09 40.24 7.78
CA GLN B 219 -6.60 40.28 9.16
C GLN B 219 -7.71 40.04 10.19
N GLN B 220 -8.93 40.50 9.88
CA GLN B 220 -10.11 40.20 10.72
C GLN B 220 -10.34 38.68 10.82
N LEU B 221 -10.24 37.99 9.69
CA LEU B 221 -10.48 36.55 9.62
C LEU B 221 -9.43 35.73 10.39
N ARG B 222 -8.20 36.24 10.45
CA ARG B 222 -7.13 35.66 11.28
C ARG B 222 -7.46 35.65 12.78
N VAL B 223 -8.21 36.64 13.26
CA VAL B 223 -8.62 36.70 14.68
C VAL B 223 -10.07 36.25 14.95
N ALA B 224 -10.89 36.16 13.91
CA ALA B 224 -12.25 35.65 14.03
C ALA B 224 -12.27 34.14 14.30
N PRO B 225 -13.38 33.60 14.85
CA PRO B 225 -13.49 32.14 15.01
C PRO B 225 -13.48 31.39 13.67
N TYR B 226 -13.06 30.13 13.73
CA TYR B 226 -12.84 29.29 12.53
C TYR B 226 -14.08 29.10 11.65
N GLU B 227 -15.22 28.81 12.28
CA GLU B 227 -16.49 28.62 11.54
C GLU B 227 -16.86 29.89 10.78
N GLU B 228 -16.64 31.04 11.41
CA GLU B 228 -16.91 32.36 10.82
C GLU B 228 -15.95 32.67 9.65
N ALA B 229 -14.67 32.38 9.84
CA ALA B 229 -13.64 32.65 8.83
C ALA B 229 -13.80 31.79 7.57
N HIS B 230 -14.05 30.50 7.75
CA HIS B 230 -14.29 29.56 6.64
C HIS B 230 -15.54 29.94 5.84
N LYS B 231 -16.62 30.28 6.56
CA LYS B 231 -17.88 30.74 5.98
C LYS B 231 -17.69 31.98 5.09
N ALA B 232 -16.92 32.95 5.59
CA ALA B 232 -16.68 34.20 4.86
C ALA B 232 -15.82 34.00 3.61
N LEU B 233 -14.74 33.23 3.72
CA LEU B 233 -13.86 32.93 2.58
C LEU B 233 -14.56 32.21 1.41
N CYS B 234 -15.59 31.42 1.73
CA CYS B 234 -16.38 30.70 0.70
C CYS B 234 -17.25 31.60 -0.18
N THR B 235 -17.57 32.81 0.30
CA THR B 235 -18.35 33.78 -0.49
C THR B 235 -17.57 34.35 -1.69
N LEU B 236 -16.24 34.27 -1.65
CA LEU B 236 -15.40 34.74 -2.74
C LEU B 236 -15.53 33.82 -3.96
N PRO B 237 -15.35 34.37 -5.18
CA PRO B 237 -15.31 33.54 -6.39
C PRO B 237 -14.16 32.56 -6.43
N GLY B 238 -14.45 31.30 -6.76
CA GLY B 238 -13.43 30.26 -6.92
C GLY B 238 -12.86 29.67 -5.65
N VAL B 239 -13.44 30.00 -4.50
CA VAL B 239 -13.01 29.48 -3.21
C VAL B 239 -14.14 28.61 -2.68
N GLY B 240 -13.95 27.30 -2.72
CA GLY B 240 -14.86 26.35 -2.08
C GLY B 240 -14.41 26.03 -0.67
N ALA B 241 -14.96 24.95 -0.11
CA ALA B 241 -14.61 24.48 1.22
C ALA B 241 -13.12 24.15 1.36
N LYS B 242 -12.56 23.51 0.34
CA LYS B 242 -11.18 23.01 0.40
C LYS B 242 -10.13 24.12 0.38
N VAL B 243 -10.32 25.12 -0.49
CA VAL B 243 -9.44 26.30 -0.54
C VAL B 243 -9.59 27.11 0.73
N ALA B 244 -10.84 27.31 1.18
CA ALA B 244 -11.10 28.03 2.43
C ALA B 244 -10.46 27.35 3.65
N ASP B 245 -10.51 26.03 3.69
CA ASP B 245 -9.85 25.26 4.76
C ASP B 245 -8.31 25.38 4.69
N CYS B 246 -7.75 25.34 3.47
CA CYS B 246 -6.31 25.52 3.24
C CYS B 246 -5.82 26.86 3.77
N ILE B 247 -6.54 27.92 3.42
CA ILE B 247 -6.22 29.28 3.85
C ILE B 247 -6.40 29.43 5.35
N CYS B 248 -7.52 28.93 5.88
CA CYS B 248 -7.77 28.90 7.34
C CYS B 248 -6.60 28.30 8.10
N LEU B 249 -6.14 27.13 7.63
CA LEU B 249 -5.06 26.38 8.27
C LEU B 249 -3.69 27.06 8.15
N MET B 250 -3.38 27.59 6.98
CA MET B 250 -2.03 28.00 6.63
C MET B 250 -1.76 29.49 6.81
N ALA B 251 -2.80 30.31 6.85
CA ALA B 251 -2.66 31.75 7.02
C ALA B 251 -3.44 32.35 8.20
N LEU B 252 -4.62 31.81 8.52
CA LEU B 252 -5.52 32.41 9.52
C LEU B 252 -5.47 31.75 10.91
N ASP B 253 -4.42 31.00 11.22
CA ASP B 253 -4.21 30.42 12.56
C ASP B 253 -5.38 29.56 13.05
N LYS B 254 -5.90 28.70 12.17
CA LYS B 254 -6.93 27.70 12.54
C LYS B 254 -6.35 26.29 12.35
N PRO B 255 -5.57 25.78 13.34
CA PRO B 255 -4.95 24.46 13.18
C PRO B 255 -5.91 23.26 13.09
N GLN B 256 -7.15 23.47 13.50
CA GLN B 256 -8.19 22.43 13.42
C GLN B 256 -8.78 22.24 12.02
N ALA B 257 -8.53 23.19 11.11
CA ALA B 257 -9.02 23.08 9.73
C ALA B 257 -8.37 21.91 8.96
N VAL B 258 -9.20 21.10 8.32
CA VAL B 258 -8.77 19.92 7.56
C VAL B 258 -9.29 20.11 6.12
N PRO B 259 -8.40 20.47 5.17
CA PRO B 259 -8.85 20.62 3.79
C PRO B 259 -9.15 19.28 3.13
N VAL B 260 -10.40 19.10 2.68
CA VAL B 260 -10.85 17.83 2.12
C VAL B 260 -11.04 17.91 0.60
N ASP B 261 -10.21 17.15 -0.11
CA ASP B 261 -10.37 16.85 -1.54
C ASP B 261 -10.02 15.37 -1.78
N VAL B 262 -9.80 15.00 -3.03
CA VAL B 262 -9.44 13.62 -3.40
C VAL B 262 -8.28 13.02 -2.61
N HIS B 263 -7.28 13.84 -2.25
CA HIS B 263 -6.06 13.35 -1.62
C HIS B 263 -6.32 12.77 -0.22
N VAL B 264 -7.05 13.51 0.61
CA VAL B 264 -7.38 13.02 1.96
C VAL B 264 -8.49 11.96 1.93
N TRP B 265 -9.42 12.08 0.99
CA TRP B 265 -10.47 11.06 0.77
C TRP B 265 -9.89 9.67 0.54
N GLN B 266 -8.92 9.63 -0.36
CA GLN B 266 -8.14 8.43 -0.68
C GLN B 266 -7.48 7.84 0.58
N ILE B 267 -6.73 8.68 1.29
CA ILE B 267 -6.05 8.29 2.54
C ILE B 267 -7.03 7.79 3.60
N ALA B 268 -8.15 8.49 3.75
CA ALA B 268 -9.13 8.15 4.80
C ALA B 268 -9.76 6.78 4.55
N HIS B 269 -10.18 6.54 3.32
CA HIS B 269 -10.79 5.28 2.95
C HIS B 269 -9.77 4.13 3.01
N ARG B 270 -8.62 4.31 2.37
CA ARG B 270 -7.59 3.26 2.34
C ARG B 270 -7.04 2.92 3.73
N ASP B 271 -6.55 3.94 4.44
CA ASP B 271 -5.77 3.75 5.68
C ASP B 271 -6.57 3.80 6.98
N TYR B 272 -7.78 4.36 6.95
CA TYR B 272 -8.65 4.37 8.13
C TYR B 272 -9.96 3.57 7.96
N GLY B 273 -10.20 3.02 6.78
CA GLY B 273 -11.43 2.27 6.51
C GLY B 273 -12.70 3.10 6.56
N TRP B 274 -12.59 4.40 6.26
CA TRP B 274 -13.69 5.33 6.43
C TRP B 274 -14.61 5.35 5.22
N HIS B 275 -15.91 5.37 5.48
CA HIS B 275 -16.92 5.66 4.46
C HIS B 275 -17.88 6.69 5.04
N PRO B 276 -18.47 7.54 4.18
CA PRO B 276 -19.47 8.49 4.67
C PRO B 276 -20.79 7.78 4.95
N LYS B 277 -21.57 8.32 5.89
CA LYS B 277 -22.81 7.68 6.36
C LYS B 277 -24.04 8.46 5.88
N THR B 278 -25.13 7.73 5.64
CA THR B 278 -26.44 8.30 5.25
C THR B 278 -26.37 9.13 3.95
N SER B 279 -25.46 8.75 3.05
CA SER B 279 -25.22 9.49 1.82
C SER B 279 -25.91 8.79 0.66
N GLN B 280 -26.34 9.57 -0.33
CA GLN B 280 -26.96 9.02 -1.53
C GLN B 280 -25.90 8.33 -2.37
N ALA B 281 -24.85 9.07 -2.71
CA ALA B 281 -23.65 8.52 -3.34
C ALA B 281 -22.66 8.14 -2.25
N LYS B 282 -21.91 7.05 -2.46
CA LYS B 282 -20.85 6.62 -1.52
C LYS B 282 -19.48 7.25 -1.87
N GLY B 283 -19.48 8.39 -2.54
CA GLY B 283 -18.27 9.12 -2.94
C GLY B 283 -18.35 10.58 -2.50
N PRO B 284 -17.46 11.44 -3.05
CA PRO B 284 -17.43 12.88 -2.72
C PRO B 284 -18.75 13.64 -2.91
N SER B 285 -19.13 14.40 -1.87
CA SER B 285 -20.22 15.37 -1.91
C SER B 285 -19.88 16.49 -0.93
N PRO B 286 -20.66 17.60 -0.92
CA PRO B 286 -20.37 18.66 0.06
C PRO B 286 -20.51 18.21 1.52
N LEU B 287 -21.55 17.43 1.83
CA LEU B 287 -21.80 16.94 3.19
C LEU B 287 -20.78 15.89 3.65
N ALA B 288 -20.43 14.96 2.76
CA ALA B 288 -19.45 13.93 3.05
C ALA B 288 -18.04 14.51 3.25
N ASN B 289 -17.67 15.49 2.43
CA ASN B 289 -16.41 16.22 2.61
C ASN B 289 -16.37 16.90 3.99
N LYS B 290 -17.47 17.56 4.36
CA LYS B 290 -17.62 18.17 5.68
C LYS B 290 -17.56 17.13 6.81
N GLU B 291 -18.22 15.99 6.61
CA GLU B 291 -18.19 14.88 7.57
C GLU B 291 -16.77 14.34 7.79
N LEU B 292 -15.97 14.29 6.72
CA LEU B 292 -14.60 13.77 6.80
C LEU B 292 -13.65 14.73 7.54
N GLY B 293 -13.88 16.03 7.40
CA GLY B 293 -13.18 17.03 8.20
C GLY B 293 -13.40 16.89 9.70
N ASN B 294 -14.65 16.61 10.09
CA ASN B 294 -15.00 16.42 11.50
C ASN B 294 -14.42 15.11 12.04
N PHE B 295 -14.43 14.07 11.20
CA PHE B 295 -13.80 12.78 11.54
C PHE B 295 -12.35 12.96 11.99
N PHE B 296 -11.57 13.70 11.20
CA PHE B 296 -10.15 13.90 11.52
C PHE B 296 -9.92 14.83 12.73
N ARG B 297 -10.78 15.82 12.90
CA ARG B 297 -10.80 16.59 14.17
C ARG B 297 -11.14 15.70 15.36
N ASN B 298 -12.10 14.79 15.19
CA ASN B 298 -12.44 13.82 16.24
C ASN B 298 -11.28 12.88 16.54
N LEU B 299 -10.57 12.46 15.50
CA LEU B 299 -9.42 11.57 15.69
C LEU B 299 -8.22 12.29 16.28
N TRP B 300 -7.84 13.43 15.70
CA TRP B 300 -6.55 14.07 16.03
C TRP B 300 -6.61 15.24 17.02
N GLY B 301 -7.76 15.88 17.15
CA GLY B 301 -7.94 16.99 18.08
C GLY B 301 -7.73 18.34 17.41
N PRO B 302 -7.39 19.37 18.21
CA PRO B 302 -7.44 20.74 17.70
C PRO B 302 -6.32 21.14 16.72
N TYR B 303 -5.26 20.34 16.61
CA TYR B 303 -4.26 20.53 15.55
C TYR B 303 -4.42 19.48 14.41
N ALA B 304 -5.66 19.13 14.07
CA ALA B 304 -5.94 18.12 13.05
C ALA B 304 -5.30 18.43 11.70
N GLY B 305 -5.39 19.68 11.27
CA GLY B 305 -4.75 20.14 10.04
C GLY B 305 -3.25 19.91 9.95
N TRP B 306 -2.56 20.03 11.09
CA TRP B 306 -1.13 19.79 11.16
C TRP B 306 -0.81 18.31 10.99
N ALA B 307 -1.66 17.44 11.55
CA ALA B 307 -1.51 15.99 11.40
C ALA B 307 -1.66 15.56 9.95
N GLN B 308 -2.63 16.16 9.26
CA GLN B 308 -2.83 15.93 7.83
C GLN B 308 -1.57 16.25 7.01
N ALA B 309 -0.88 17.33 7.35
CA ALA B 309 0.36 17.71 6.65
C ALA B 309 1.48 16.67 6.78
N VAL B 310 1.52 15.96 7.89
CA VAL B 310 2.49 14.87 8.10
C VAL B 310 2.17 13.70 7.16
N LEU B 311 0.88 13.37 7.00
CA LEU B 311 0.46 12.29 6.10
C LEU B 311 0.61 12.66 4.63
N PHE B 312 0.29 13.91 4.31
CA PHE B 312 0.50 14.46 2.96
C PHE B 312 1.97 14.41 2.56
N SER B 313 2.82 14.90 3.46
CA SER B 313 4.28 14.86 3.25
C SER B 313 4.79 13.44 2.99
N ALA B 314 4.27 12.48 3.75
CA ALA B 314 4.62 11.06 3.55
C ALA B 314 4.08 10.49 2.24
N ASP B 315 2.87 10.91 1.85
CA ASP B 315 2.23 10.47 0.61
C ASP B 315 2.91 11.03 -0.65
N LEU B 316 3.63 12.15 -0.52
CA LEU B 316 4.37 12.76 -1.64
C LEU B 316 5.70 12.07 -1.97
N ARG B 317 6.27 11.33 -1.02
CA ARG B 317 7.52 10.58 -1.25
C ARG B 317 7.28 9.06 -1.16
N GLN B 318 6.84 8.49 -2.28
CA GLN B 318 6.62 7.05 -2.45
C GLN B 318 5.59 6.48 -1.48
N GLY C 1 24.64 -21.81 45.88
CA GLY C 1 25.13 -22.24 44.54
C GLY C 1 25.69 -21.11 43.70
N SER C 2 26.22 -21.45 42.53
CA SER C 2 26.81 -20.44 41.66
C SER C 2 25.76 -19.56 41.00
N HIS C 3 26.21 -18.40 40.51
CA HIS C 3 25.41 -17.53 39.68
C HIS C 3 25.21 -18.14 38.29
N MET C 4 23.96 -18.45 37.93
CA MET C 4 23.63 -19.07 36.64
C MET C 4 23.34 -18.00 35.58
N ARG C 5 23.86 -18.20 34.38
CA ARG C 5 23.68 -17.28 33.25
C ARG C 5 22.84 -17.92 32.15
N HIS C 6 22.28 -17.08 31.27
CA HIS C 6 21.54 -17.55 30.10
C HIS C 6 22.51 -18.22 29.13
N ARG C 7 22.13 -19.41 28.66
CA ARG C 7 22.99 -20.26 27.84
C ARG C 7 22.92 -19.89 26.36
N THR C 8 23.84 -20.49 25.58
CA THR C 8 23.75 -20.56 24.13
C THR C 8 24.13 -21.97 23.65
N LEU C 9 23.90 -22.23 22.36
CA LEU C 9 24.22 -23.53 21.76
C LEU C 9 25.74 -23.74 21.67
N SER C 10 26.48 -22.64 21.54
CA SER C 10 27.94 -22.67 21.46
C SER C 10 28.61 -22.74 22.84
N SER C 11 28.05 -22.02 23.82
CA SER C 11 28.65 -21.94 25.18
C SER C 11 28.49 -23.20 26.04
N SER C 12 27.43 -23.97 25.84
CA SER C 12 27.13 -25.11 26.73
C SER C 12 26.50 -26.31 26.02
N PRO C 13 27.11 -26.76 24.89
CA PRO C 13 26.44 -27.67 23.94
C PRO C 13 26.03 -29.06 24.44
N ALA C 14 26.60 -29.50 25.57
CA ALA C 14 26.18 -30.74 26.23
C ALA C 14 24.72 -30.69 26.69
N LEU C 15 24.26 -29.51 27.12
CA LEU C 15 22.89 -29.32 27.64
C LEU C 15 21.80 -29.06 26.58
N TRP C 16 22.16 -29.07 25.30
CA TRP C 16 21.21 -28.81 24.21
C TRP C 16 20.83 -30.08 23.46
N ALA C 17 19.55 -30.45 23.57
CA ALA C 17 18.93 -31.44 22.67
C ALA C 17 18.37 -30.71 21.45
N SER C 18 18.10 -31.47 20.39
CA SER C 18 17.59 -30.93 19.14
C SER C 18 16.36 -31.70 18.67
N ILE C 19 15.45 -30.97 18.00
CA ILE C 19 14.33 -31.56 17.29
C ILE C 19 14.57 -31.27 15.80
N PRO C 20 14.33 -32.27 14.92
CA PRO C 20 14.40 -31.96 13.49
C PRO C 20 13.24 -31.06 13.07
N CYS C 21 13.55 -29.80 12.76
CA CYS C 21 12.54 -28.80 12.42
C CYS C 21 13.12 -27.75 11.47
N PRO C 22 12.68 -27.75 10.19
CA PRO C 22 13.16 -26.72 9.25
C PRO C 22 12.71 -25.31 9.59
N ARG C 23 13.48 -24.30 9.16
CA ARG C 23 13.16 -22.89 9.42
C ARG C 23 11.90 -22.43 8.65
N SER C 24 11.60 -23.07 7.52
CA SER C 24 10.35 -22.83 6.79
C SER C 24 9.11 -23.32 7.55
N GLU C 25 9.28 -24.35 8.39
CA GLU C 25 8.21 -24.84 9.25
C GLU C 25 8.01 -24.05 10.54
N LEU C 26 9.05 -23.33 10.99
CA LEU C 26 8.97 -22.49 12.20
C LEU C 26 10.09 -21.43 12.25
N ARG C 27 9.72 -20.17 12.47
CA ARG C 27 10.66 -19.08 12.68
C ARG C 27 10.40 -18.42 14.03
N LEU C 28 11.24 -18.76 15.01
CA LEU C 28 11.10 -18.32 16.41
C LEU C 28 11.00 -16.80 16.55
N ASP C 29 11.76 -16.07 15.73
CA ASP C 29 11.74 -14.61 15.73
C ASP C 29 10.42 -13.99 15.24
N LEU C 30 9.63 -14.77 14.51
CA LEU C 30 8.29 -14.36 14.09
C LEU C 30 7.20 -14.87 15.03
N VAL C 31 7.37 -16.05 15.64
CA VAL C 31 6.33 -16.69 16.45
C VAL C 31 6.31 -16.27 17.92
N LEU C 32 7.48 -15.99 18.51
CA LEU C 32 7.58 -15.63 19.94
C LEU C 32 7.51 -14.12 20.20
N ALA C 33 7.48 -13.31 19.15
CA ALA C 33 7.22 -11.87 19.25
C ALA C 33 5.88 -11.41 18.63
N SER C 34 5.12 -12.35 18.04
CA SER C 34 3.87 -12.03 17.31
C SER C 34 2.63 -11.76 18.19
N GLY C 35 2.78 -11.75 19.51
CA GLY C 35 1.69 -11.45 20.42
C GLY C 35 0.70 -12.60 20.59
N GLN C 36 1.22 -13.82 20.58
CA GLN C 36 0.45 -15.00 20.96
C GLN C 36 0.67 -15.23 22.45
N SER C 37 1.92 -15.39 22.84
CA SER C 37 2.33 -15.38 24.25
C SER C 37 3.27 -14.21 24.47
N PHE C 38 3.34 -13.77 25.71
CA PHE C 38 4.14 -12.59 26.09
C PHE C 38 5.26 -12.97 27.07
N ARG C 39 5.64 -14.25 27.07
CA ARG C 39 6.57 -14.80 28.05
C ARG C 39 8.03 -14.85 27.58
N TRP C 40 8.26 -14.83 26.27
CA TRP C 40 9.60 -15.02 25.70
C TRP C 40 10.33 -13.69 25.44
N LYS C 41 11.62 -13.67 25.78
CA LYS C 41 12.52 -12.57 25.42
C LYS C 41 13.82 -13.14 24.84
N GLU C 42 14.35 -12.44 23.85
CA GLU C 42 15.63 -12.78 23.22
C GLU C 42 16.76 -12.18 24.06
N GLN C 43 17.21 -12.93 25.07
CA GLN C 43 18.21 -12.42 26.05
C GLN C 43 19.60 -12.25 25.46
N SER C 44 19.92 -13.07 24.45
CA SER C 44 21.09 -12.87 23.59
C SER C 44 20.69 -13.20 22.13
N PRO C 45 21.47 -12.70 21.14
CA PRO C 45 21.16 -12.88 19.72
C PRO C 45 20.75 -14.31 19.34
N ALA C 46 19.56 -14.44 18.75
CA ALA C 46 18.99 -15.72 18.29
C ALA C 46 18.76 -16.77 19.39
N HIS C 47 18.57 -16.33 20.64
CA HIS C 47 18.32 -17.24 21.76
C HIS C 47 17.17 -16.74 22.65
N TRP C 48 16.01 -17.39 22.51
CA TRP C 48 14.78 -16.97 23.19
C TRP C 48 14.61 -17.75 24.47
N SER C 49 14.49 -17.04 25.59
CA SER C 49 14.39 -17.66 26.92
C SER C 49 13.06 -17.29 27.58
N GLY C 50 12.41 -18.26 28.20
CA GLY C 50 11.14 -18.00 28.90
C GLY C 50 10.53 -19.23 29.54
N VAL C 51 9.46 -19.03 30.30
CA VAL C 51 8.83 -20.11 31.06
C VAL C 51 7.82 -20.88 30.21
N LEU C 52 7.78 -22.19 30.42
CA LEU C 52 6.86 -23.08 29.72
C LEU C 52 6.60 -24.28 30.64
N ALA C 53 5.40 -24.32 31.23
CA ALA C 53 4.99 -25.40 32.15
C ALA C 53 5.86 -25.47 33.42
N ASP C 54 5.99 -24.33 34.10
CA ASP C 54 6.76 -24.20 35.36
C ASP C 54 8.26 -24.58 35.25
N GLN C 55 8.84 -24.34 34.09
CA GLN C 55 10.27 -24.59 33.83
C GLN C 55 10.78 -23.59 32.81
N VAL C 56 11.93 -22.97 33.05
CA VAL C 56 12.52 -22.06 32.08
C VAL C 56 13.21 -22.87 30.97
N TRP C 57 13.01 -22.46 29.72
CA TRP C 57 13.71 -23.01 28.56
C TRP C 57 14.47 -21.89 27.86
N THR C 58 15.47 -22.27 27.05
CA THR C 58 16.04 -21.36 26.05
C THR C 58 16.05 -22.08 24.70
N LEU C 59 15.62 -21.37 23.66
CA LEU C 59 15.39 -21.92 22.33
C LEU C 59 16.22 -21.18 21.30
N THR C 60 16.65 -21.92 20.28
CA THR C 60 17.44 -21.38 19.18
C THR C 60 17.35 -22.37 18.01
N GLN C 61 17.73 -21.95 16.81
CA GLN C 61 17.56 -22.80 15.62
C GLN C 61 18.57 -22.54 14.52
N THR C 62 18.86 -23.59 13.77
CA THR C 62 19.53 -23.50 12.48
C THR C 62 18.48 -23.78 11.40
N GLU C 63 18.90 -23.73 10.13
CA GLU C 63 18.01 -24.00 8.99
C GLU C 63 17.23 -25.30 9.13
N ASP C 64 17.88 -26.35 9.64
CA ASP C 64 17.30 -27.70 9.73
C ASP C 64 16.89 -28.16 11.15
N GLN C 65 17.43 -27.53 12.20
CA GLN C 65 17.24 -27.99 13.58
C GLN C 65 16.71 -26.90 14.53
N LEU C 66 15.87 -27.33 15.48
CA LEU C 66 15.41 -26.51 16.61
C LEU C 66 16.12 -27.00 17.86
N TYR C 67 17.14 -26.26 18.31
CA TYR C 67 17.91 -26.61 19.51
C TYR C 67 17.27 -25.99 20.75
N CYS C 68 17.11 -26.79 21.79
CA CYS C 68 16.48 -26.35 23.03
C CYS C 68 17.24 -26.83 24.27
N THR C 69 17.32 -25.98 25.29
CA THR C 69 17.85 -26.35 26.60
C THR C 69 16.86 -25.98 27.69
N VAL C 70 17.00 -26.64 28.84
CA VAL C 70 16.10 -26.45 29.99
C VAL C 70 16.93 -26.18 31.24
N TYR C 71 16.42 -25.32 32.11
CA TYR C 71 17.08 -24.94 33.36
C TYR C 71 16.38 -25.60 34.54
N ARG C 72 17.02 -26.61 35.10
CA ARG C 72 16.54 -27.27 36.31
C ARG C 72 17.14 -26.55 37.52
N GLY C 73 16.77 -26.99 38.72
CA GLY C 73 17.16 -26.34 39.98
C GLY C 73 18.65 -26.04 40.18
N ASP C 74 19.42 -27.07 40.55
CA ASP C 74 20.83 -26.93 40.94
C ASP C 74 21.80 -27.35 39.83
N ASP C 75 23.09 -27.05 40.06
CA ASP C 75 24.17 -27.45 39.15
C ASP C 75 24.57 -28.90 39.44
N VAL C 78 22.38 -30.99 36.29
CA VAL C 78 22.07 -30.51 34.94
C VAL C 78 22.26 -31.59 33.88
N SER C 79 21.35 -31.65 32.91
CA SER C 79 21.48 -32.55 31.76
C SER C 79 20.66 -32.03 30.57
N ARG C 80 20.63 -32.82 29.48
CA ARG C 80 19.78 -32.50 28.33
C ARG C 80 18.30 -32.60 28.69
N PRO C 81 17.42 -32.04 27.83
CA PRO C 81 15.99 -32.33 27.95
C PRO C 81 15.69 -33.81 27.71
N THR C 82 14.73 -34.35 28.48
CA THR C 82 14.32 -35.76 28.33
C THR C 82 13.49 -35.96 27.05
N LEU C 83 13.16 -37.20 26.74
CA LEU C 83 12.30 -37.51 25.59
C LEU C 83 10.84 -37.07 25.84
N GLU C 84 10.43 -37.01 27.11
CA GLU C 84 9.13 -36.43 27.50
C GLU C 84 9.11 -34.90 27.35
N GLU C 85 10.22 -34.25 27.68
CA GLU C 85 10.34 -32.80 27.55
C GLU C 85 10.47 -32.34 26.09
N LEU C 86 11.15 -33.12 25.26
CA LEU C 86 11.19 -32.89 23.80
C LEU C 86 9.83 -33.12 23.12
N GLU C 87 8.96 -33.93 23.74
CA GLU C 87 7.56 -34.10 23.29
C GLU C 87 6.65 -32.94 23.71
N THR C 88 6.91 -32.35 24.89
CA THR C 88 6.19 -31.15 25.34
C THR C 88 6.44 -29.95 24.41
N LEU C 89 7.69 -29.79 23.99
CA LEU C 89 8.08 -28.73 23.05
C LEU C 89 7.57 -28.99 21.63
N HIS C 90 7.49 -30.27 21.24
CA HIS C 90 6.92 -30.67 19.94
C HIS C 90 5.41 -30.34 19.91
N LYS C 91 4.70 -30.64 20.99
CA LYS C 91 3.29 -30.30 21.13
C LYS C 91 3.03 -28.79 21.29
N TYR C 92 3.97 -28.08 21.93
CA TYR C 92 3.89 -26.61 22.05
C TYR C 92 3.90 -25.91 20.69
N PHE C 93 4.83 -26.29 19.82
CA PHE C 93 4.91 -25.76 18.46
C PHE C 93 4.01 -26.50 17.45
N GLN C 94 3.39 -27.61 17.85
CA GLN C 94 2.38 -28.32 17.03
C GLN C 94 2.97 -28.80 15.70
N LEU C 95 4.15 -29.38 15.76
CA LEU C 95 4.98 -29.64 14.58
C LEU C 95 4.53 -30.81 13.69
N ASP C 96 3.53 -31.58 14.14
CA ASP C 96 2.84 -32.56 13.27
C ASP C 96 2.18 -31.88 12.07
N VAL C 97 1.63 -30.68 12.28
CA VAL C 97 0.95 -29.91 11.24
C VAL C 97 1.98 -29.40 10.22
N SER C 98 1.79 -29.77 8.96
CA SER C 98 2.68 -29.32 7.87
C SER C 98 2.32 -27.89 7.47
N LEU C 99 3.18 -26.95 7.83
CA LEU C 99 2.99 -25.55 7.46
C LEU C 99 3.17 -25.32 5.95
N ALA C 100 4.03 -26.11 5.31
CA ALA C 100 4.25 -26.03 3.86
C ALA C 100 2.99 -26.35 3.05
N GLN C 101 2.17 -27.28 3.54
CA GLN C 101 0.88 -27.60 2.90
C GLN C 101 -0.17 -26.49 3.09
N LEU C 102 -0.17 -25.84 4.24
CA LEU C 102 -1.09 -24.73 4.52
C LEU C 102 -0.74 -23.49 3.68
N TYR C 103 0.51 -23.08 3.72
CA TYR C 103 1.04 -21.99 2.86
C TYR C 103 0.82 -22.25 1.36
N SER C 104 0.92 -23.52 0.95
CA SER C 104 0.61 -23.95 -0.43
C SER C 104 -0.88 -23.79 -0.74
N HIS C 105 -1.73 -24.27 0.18
CA HIS C 105 -3.19 -24.19 0.07
C HIS C 105 -3.72 -22.75 0.07
N TRP C 106 -3.24 -21.92 1.00
CA TRP C 106 -3.68 -20.52 1.12
C TRP C 106 -3.22 -19.68 -0.07
N ALA C 107 -1.97 -19.86 -0.49
CA ALA C 107 -1.39 -19.11 -1.63
C ALA C 107 -2.14 -19.31 -2.95
N SER C 108 -2.77 -20.48 -3.12
CA SER C 108 -3.53 -20.82 -4.32
C SER C 108 -4.93 -20.19 -4.30
N VAL C 109 -5.60 -20.20 -3.15
CA VAL C 109 -6.95 -19.62 -3.00
C VAL C 109 -6.98 -18.15 -2.53
N ASP C 110 -5.81 -17.48 -2.49
CA ASP C 110 -5.71 -16.12 -1.96
C ASP C 110 -4.40 -15.47 -2.43
N SER C 111 -4.48 -14.64 -3.47
CA SER C 111 -3.29 -14.05 -4.08
C SER C 111 -2.61 -13.02 -3.19
N HIS C 112 -3.38 -12.32 -2.35
CA HIS C 112 -2.79 -11.38 -1.38
C HIS C 112 -1.86 -12.12 -0.42
N PHE C 113 -2.34 -13.25 0.10
CA PHE C 113 -1.54 -14.13 0.95
C PHE C 113 -0.26 -14.59 0.27
N GLN C 114 -0.37 -14.99 -1.00
CA GLN C 114 0.78 -15.48 -1.77
C GLN C 114 1.92 -14.46 -1.79
N ARG C 115 1.60 -13.19 -2.01
CA ARG C 115 2.62 -12.11 -2.02
C ARG C 115 3.19 -11.83 -0.62
N VAL C 116 2.34 -11.78 0.39
CA VAL C 116 2.75 -11.49 1.78
C VAL C 116 3.55 -12.65 2.39
N ALA C 117 3.09 -13.88 2.19
CA ALA C 117 3.69 -15.06 2.83
C ALA C 117 5.08 -15.49 2.32
N GLN C 118 5.54 -14.92 1.20
CA GLN C 118 6.92 -15.17 0.73
C GLN C 118 7.97 -14.73 1.75
N LYS C 119 7.79 -13.53 2.33
CA LYS C 119 8.74 -12.98 3.31
C LYS C 119 8.46 -13.38 4.77
N PHE C 120 7.37 -14.09 5.03
CA PHE C 120 6.99 -14.51 6.39
C PHE C 120 6.67 -15.99 6.45
N GLN C 121 7.71 -16.80 6.18
CA GLN C 121 7.62 -18.26 6.30
C GLN C 121 7.83 -18.67 7.75
N GLY C 122 7.16 -19.75 8.16
CA GLY C 122 7.36 -20.33 9.49
C GLY C 122 6.62 -19.60 10.59
N VAL C 123 5.46 -19.05 10.28
CA VAL C 123 4.61 -18.45 11.28
C VAL C 123 3.53 -19.48 11.58
N ARG C 124 3.51 -19.96 12.82
CA ARG C 124 2.58 -20.97 13.27
C ARG C 124 2.06 -20.59 14.65
N LEU C 125 1.12 -21.36 15.16
CA LEU C 125 0.50 -21.06 16.44
C LEU C 125 0.98 -22.00 17.52
N LEU C 126 1.27 -21.41 18.68
CA LEU C 126 1.72 -22.14 19.84
C LEU C 126 0.48 -22.76 20.48
N ARG C 127 0.60 -24.01 20.94
CA ARG C 127 -0.44 -24.67 21.73
C ARG C 127 -0.22 -24.28 23.19
N GLN C 128 -0.67 -23.07 23.51
CA GLN C 128 -0.48 -22.52 24.85
C GLN C 128 -1.36 -23.22 25.87
N ASP C 129 -1.02 -23.02 27.13
CA ASP C 129 -1.80 -23.53 28.25
C ASP C 129 -3.08 -22.69 28.36
N PRO C 130 -4.26 -23.36 28.44
CA PRO C 130 -5.54 -22.67 28.59
C PRO C 130 -5.60 -21.61 29.70
N THR C 131 -5.06 -21.91 30.87
CA THR C 131 -5.06 -20.95 32.00
C THR C 131 -4.18 -19.75 31.68
N GLU C 132 -2.94 -20.02 31.28
CA GLU C 132 -1.97 -18.98 30.94
C GLU C 132 -2.48 -18.04 29.85
N CYS C 133 -3.10 -18.63 28.82
CA CYS C 133 -3.64 -17.87 27.69
C CYS C 133 -4.79 -16.94 28.09
N LEU C 134 -5.70 -17.44 28.93
CA LEU C 134 -6.94 -16.72 29.27
C LEU C 134 -6.68 -15.39 29.98
N PHE C 135 -5.94 -15.46 31.08
CA PHE C 135 -5.71 -14.29 31.93
C PHE C 135 -4.71 -13.30 31.33
N SER C 136 -3.85 -13.78 30.44
CA SER C 136 -3.01 -12.91 29.62
C SER C 136 -3.84 -12.07 28.66
N PHE C 137 -4.83 -12.70 28.01
CA PHE C 137 -5.67 -12.01 27.01
C PHE C 137 -6.84 -11.19 27.57
N ILE C 138 -7.13 -11.35 28.86
CA ILE C 138 -7.97 -10.38 29.58
C ILE C 138 -7.24 -9.03 29.70
N CYS C 139 -5.90 -9.07 29.83
CA CYS C 139 -5.08 -7.86 29.88
C CYS C 139 -4.85 -7.16 28.51
N SER C 140 -5.41 -7.71 27.43
CA SER C 140 -5.14 -7.24 26.05
C SER C 140 -6.04 -6.12 25.51
N SER C 141 -7.01 -5.66 26.31
CA SER C 141 -7.93 -4.59 25.86
C SER C 141 -7.21 -3.25 25.72
N ASN C 142 -7.17 -2.74 24.49
CA ASN C 142 -6.60 -1.41 24.15
C ASN C 142 -5.07 -1.31 24.29
N ASN C 143 -4.38 -2.43 24.49
CA ASN C 143 -2.94 -2.44 24.79
C ASN C 143 -2.16 -3.04 23.63
N ASN C 144 -0.97 -2.49 23.39
CA ASN C 144 -0.02 -3.08 22.45
C ASN C 144 0.75 -4.22 23.15
N ILE C 145 1.74 -4.80 22.47
CA ILE C 145 2.52 -5.91 23.01
C ILE C 145 3.35 -5.51 24.24
N ALA C 146 4.05 -4.38 24.14
CA ALA C 146 4.92 -3.88 25.22
C ALA C 146 4.22 -3.76 26.58
N ARG C 147 2.98 -3.27 26.58
CA ARG C 147 2.21 -3.09 27.82
C ARG C 147 1.74 -4.42 28.40
N ILE C 148 1.27 -5.33 27.55
CA ILE C 148 0.76 -6.64 28.00
C ILE C 148 1.89 -7.53 28.55
N THR C 149 3.08 -7.42 27.95
CA THR C 149 4.28 -8.14 28.43
C THR C 149 4.68 -7.68 29.84
N GLY C 150 4.58 -6.37 30.09
CA GLY C 150 4.81 -5.82 31.41
C GLY C 150 3.82 -6.31 32.46
N MET C 151 2.54 -6.29 32.10
CA MET C 151 1.46 -6.69 33.01
C MET C 151 1.48 -8.18 33.36
N VAL C 152 1.69 -9.03 32.35
CA VAL C 152 1.73 -10.49 32.55
C VAL C 152 2.94 -10.92 33.38
N GLU C 153 4.05 -10.19 33.28
CA GLU C 153 5.26 -10.47 34.07
C GLU C 153 5.03 -10.16 35.55
N ARG C 154 4.57 -8.94 35.82
CA ARG C 154 4.27 -8.49 37.18
C ARG C 154 3.15 -9.31 37.85
N LEU C 155 2.23 -9.83 37.04
CA LEU C 155 1.21 -10.78 37.51
C LEU C 155 1.82 -12.11 37.97
N CYS C 156 2.79 -12.60 37.20
CA CYS C 156 3.50 -13.85 37.56
C CYS C 156 4.48 -13.65 38.73
N GLN C 157 5.07 -12.46 38.86
CA GLN C 157 5.94 -12.14 40.00
C GLN C 157 5.19 -12.13 41.34
N ALA C 158 4.06 -11.45 41.38
CA ALA C 158 3.23 -11.37 42.58
C ALA C 158 2.61 -12.72 42.94
N PHE C 159 1.82 -13.28 42.02
CA PHE C 159 0.99 -14.48 42.30
C PHE C 159 1.61 -15.84 41.99
N GLY C 160 2.72 -15.86 41.25
CA GLY C 160 3.29 -17.12 40.75
C GLY C 160 4.49 -17.63 41.52
N PRO C 161 4.75 -18.95 41.45
CA PRO C 161 5.88 -19.54 42.18
C PRO C 161 7.20 -19.18 41.52
N ARG C 162 8.21 -18.85 42.34
CA ARG C 162 9.55 -18.53 41.84
C ARG C 162 10.21 -19.82 41.36
N LEU C 163 10.66 -19.84 40.10
CA LEU C 163 11.29 -21.02 39.51
C LEU C 163 12.80 -20.97 39.68
N ILE C 164 13.43 -19.93 39.14
CA ILE C 164 14.89 -19.84 39.04
C ILE C 164 15.30 -18.42 38.63
N GLN C 165 16.56 -18.05 38.89
CA GLN C 165 17.14 -16.78 38.43
C GLN C 165 18.28 -17.02 37.43
N LEU C 166 18.26 -16.29 36.31
CA LEU C 166 19.30 -16.34 35.28
C LEU C 166 19.73 -14.91 34.94
N ASP C 167 21.03 -14.64 35.05
CA ASP C 167 21.57 -13.27 34.97
C ASP C 167 20.78 -12.38 35.95
N ASP C 168 20.15 -11.29 35.53
CA ASP C 168 19.34 -10.47 36.46
C ASP C 168 17.81 -10.68 36.39
N VAL C 169 17.37 -11.72 35.67
CA VAL C 169 15.96 -12.02 35.47
C VAL C 169 15.51 -13.06 36.50
N THR C 170 14.37 -12.80 37.15
CA THR C 170 13.78 -13.73 38.11
C THR C 170 12.53 -14.37 37.49
N TYR C 171 12.67 -15.63 37.05
CA TYR C 171 11.61 -16.32 36.32
C TYR C 171 10.58 -16.94 37.27
N HIS C 172 9.36 -16.41 37.22
CA HIS C 172 8.22 -16.96 37.95
C HIS C 172 7.30 -17.71 36.99
N GLY C 173 6.67 -18.77 37.47
CA GLY C 173 5.66 -19.50 36.71
C GLY C 173 4.34 -18.75 36.64
N PHE C 174 3.37 -19.32 35.93
CA PHE C 174 2.04 -18.74 35.87
C PHE C 174 1.23 -19.24 37.07
N PRO C 175 0.49 -18.33 37.76
CA PRO C 175 -0.26 -18.78 38.93
C PRO C 175 -1.37 -19.78 38.61
N ASN C 176 -1.64 -20.66 39.57
CA ASN C 176 -2.82 -21.53 39.52
C ASN C 176 -4.08 -20.72 39.83
N LEU C 177 -5.23 -21.31 39.54
CA LEU C 177 -6.52 -20.62 39.70
C LEU C 177 -6.80 -20.18 41.15
N HIS C 178 -6.34 -20.98 42.11
CA HIS C 178 -6.49 -20.68 43.55
C HIS C 178 -5.84 -19.36 43.97
N ALA C 179 -4.67 -19.08 43.40
CA ALA C 179 -3.92 -17.84 43.68
C ALA C 179 -4.66 -16.60 43.20
N LEU C 180 -5.21 -16.66 41.99
CA LEU C 180 -5.94 -15.53 41.40
C LEU C 180 -7.36 -15.36 41.97
N ALA C 181 -7.96 -16.44 42.46
CA ALA C 181 -9.35 -16.42 42.96
C ALA C 181 -9.50 -15.96 44.42
N GLY C 182 -8.39 -15.68 45.11
CA GLY C 182 -8.43 -15.34 46.54
C GLY C 182 -9.05 -13.98 46.89
N PRO C 183 -9.16 -13.69 48.21
CA PRO C 183 -9.84 -12.48 48.70
C PRO C 183 -9.10 -11.16 48.43
N GLU C 184 -7.76 -11.17 48.54
CA GLU C 184 -6.94 -9.99 48.29
C GLU C 184 -6.36 -9.96 46.87
N ALA C 185 -7.06 -10.56 45.91
CA ALA C 185 -6.60 -10.64 44.53
C ALA C 185 -6.80 -9.31 43.82
N GLU C 186 -8.03 -8.78 43.87
CA GLU C 186 -8.37 -7.49 43.26
C GLU C 186 -7.67 -6.31 43.95
N THR C 187 -7.41 -6.46 45.25
CA THR C 187 -6.64 -5.48 46.03
C THR C 187 -5.22 -5.33 45.48
N HIS C 188 -4.53 -6.46 45.31
CA HIS C 188 -3.14 -6.49 44.87
C HIS C 188 -2.98 -6.19 43.37
N LEU C 189 -3.80 -6.84 42.55
CA LEU C 189 -3.75 -6.68 41.07
C LEU C 189 -3.91 -5.25 40.58
N ARG C 190 -4.75 -4.46 41.25
CA ARG C 190 -4.98 -3.06 40.89
C ARG C 190 -3.74 -2.16 41.07
N LYS C 191 -2.86 -2.53 42.01
CA LYS C 191 -1.60 -1.81 42.22
C LYS C 191 -0.66 -1.84 41.01
N LEU C 192 -0.75 -2.90 40.20
CA LEU C 192 0.11 -3.07 39.02
C LEU C 192 -0.19 -2.09 37.87
N GLY C 193 -1.42 -1.58 37.81
CA GLY C 193 -1.87 -0.73 36.71
C GLY C 193 -2.65 -1.49 35.65
N LEU C 194 -3.36 -2.54 36.07
CA LEU C 194 -4.27 -3.28 35.18
C LEU C 194 -5.60 -2.54 35.00
N GLY C 195 -6.01 -1.77 36.02
CA GLY C 195 -7.19 -0.91 35.93
C GLY C 195 -8.47 -1.71 36.02
N TYR C 196 -9.38 -1.46 35.08
CA TYR C 196 -10.66 -2.18 35.01
C TYR C 196 -10.55 -3.69 34.73
N ARG C 197 -9.44 -4.11 34.13
CA ARG C 197 -9.23 -5.50 33.74
C ARG C 197 -8.92 -6.43 34.93
N ALA C 198 -8.40 -5.86 36.03
CA ALA C 198 -8.07 -6.64 37.24
C ALA C 198 -9.25 -7.35 37.88
N ARG C 199 -10.44 -6.73 37.80
CA ARG C 199 -11.66 -7.25 38.42
C ARG C 199 -12.07 -8.61 37.83
N TYR C 200 -12.00 -8.70 36.50
CA TYR C 200 -12.40 -9.91 35.77
C TYR C 200 -11.45 -11.09 35.96
N VAL C 201 -10.19 -10.82 36.29
CA VAL C 201 -9.21 -11.88 36.57
C VAL C 201 -9.60 -12.66 37.83
N ARG C 202 -10.01 -11.92 38.87
CA ARG C 202 -10.53 -12.52 40.10
C ARG C 202 -11.84 -13.27 39.87
N ALA C 203 -12.77 -12.64 39.15
CA ALA C 203 -14.11 -13.18 38.92
C ALA C 203 -14.11 -14.45 38.07
N SER C 204 -13.38 -14.42 36.96
CA SER C 204 -13.30 -15.55 36.02
C SER C 204 -12.51 -16.73 36.59
N ALA C 205 -11.49 -16.45 37.40
CA ALA C 205 -10.76 -17.49 38.15
C ALA C 205 -11.68 -18.15 39.18
N LYS C 206 -12.47 -17.33 39.87
CA LYS C 206 -13.45 -17.80 40.84
C LYS C 206 -14.59 -18.61 40.18
N ALA C 207 -15.00 -18.19 38.98
CA ALA C 207 -16.05 -18.88 38.22
C ALA C 207 -15.64 -20.27 37.73
N ILE C 208 -14.39 -20.40 37.27
CA ILE C 208 -13.86 -21.69 36.76
C ILE C 208 -13.70 -22.73 37.88
N LEU C 209 -13.23 -22.30 39.05
CA LEU C 209 -13.08 -23.19 40.20
C LEU C 209 -14.42 -23.56 40.84
N GLU C 210 -15.17 -22.54 41.25
CA GLU C 210 -16.39 -22.74 42.03
C GLU C 210 -17.56 -23.25 41.18
N GLU C 211 -17.97 -22.45 40.21
CA GLU C 211 -19.22 -22.69 39.47
C GLU C 211 -19.12 -23.84 38.46
N GLN C 212 -18.11 -23.80 37.60
CA GLN C 212 -17.95 -24.80 36.53
C GLN C 212 -17.58 -26.16 37.10
N GLY C 213 -16.76 -26.16 38.15
CA GLY C 213 -16.47 -27.36 38.92
C GLY C 213 -15.24 -28.11 38.48
N GLY C 214 -14.13 -27.40 38.34
CA GLY C 214 -12.81 -28.00 38.05
C GLY C 214 -11.90 -27.13 37.20
N PRO C 215 -10.57 -27.30 37.35
CA PRO C 215 -9.62 -26.69 36.43
C PRO C 215 -9.56 -27.40 35.07
N ALA C 216 -10.02 -28.66 35.01
CA ALA C 216 -10.10 -29.44 33.77
C ALA C 216 -11.32 -29.11 32.89
N TRP C 217 -12.15 -28.14 33.30
CA TRP C 217 -13.18 -27.57 32.42
C TRP C 217 -12.57 -26.95 31.17
N LEU C 218 -11.45 -26.23 31.37
CA LEU C 218 -10.68 -25.66 30.25
C LEU C 218 -10.18 -26.75 29.29
N GLN C 219 -9.67 -27.85 29.86
CA GLN C 219 -9.22 -29.01 29.09
C GLN C 219 -10.39 -29.74 28.41
N GLN C 220 -11.56 -29.75 29.05
CA GLN C 220 -12.79 -30.33 28.47
C GLN C 220 -13.27 -29.58 27.21
N LEU C 221 -13.06 -28.26 27.19
CA LEU C 221 -13.40 -27.42 26.03
C LEU C 221 -12.47 -27.65 24.83
N ARG C 222 -11.28 -28.23 25.06
CA ARG C 222 -10.34 -28.59 24.00
C ARG C 222 -10.91 -29.66 23.05
N VAL C 223 -11.68 -30.60 23.61
CA VAL C 223 -12.32 -31.68 22.81
C VAL C 223 -13.75 -31.34 22.36
N ALA C 224 -14.39 -30.38 23.03
CA ALA C 224 -15.68 -29.86 22.58
C ALA C 224 -15.55 -29.17 21.22
N PRO C 225 -16.64 -29.15 20.42
CA PRO C 225 -16.56 -28.45 19.13
C PRO C 225 -16.36 -26.92 19.30
N TYR C 226 -15.70 -26.31 18.32
CA TYR C 226 -15.36 -24.87 18.34
C TYR C 226 -16.52 -23.98 18.81
N GLU C 227 -17.71 -24.23 18.25
CA GLU C 227 -18.89 -23.39 18.52
C GLU C 227 -19.36 -23.48 19.98
N GLU C 228 -19.23 -24.64 20.59
CA GLU C 228 -19.55 -24.83 22.01
C GLU C 228 -18.48 -24.21 22.92
N ALA C 229 -17.22 -24.37 22.53
CA ALA C 229 -16.09 -23.82 23.28
C ALA C 229 -16.13 -22.29 23.33
N HIS C 230 -16.39 -21.67 22.19
CA HIS C 230 -16.50 -20.21 22.09
C HIS C 230 -17.69 -19.68 22.89
N LYS C 231 -18.84 -20.36 22.75
CA LYS C 231 -20.06 -20.05 23.52
C LYS C 231 -19.82 -20.17 25.04
N ALA C 232 -19.14 -21.25 25.44
CA ALA C 232 -18.81 -21.50 26.84
C ALA C 232 -17.90 -20.43 27.45
N LEU C 233 -16.88 -20.01 26.70
CA LEU C 233 -15.94 -18.97 27.16
C LEU C 233 -16.59 -17.59 27.34
N CYS C 234 -17.60 -17.29 26.52
CA CYS C 234 -18.34 -16.03 26.61
C CYS C 234 -19.19 -15.89 27.89
N THR C 235 -19.49 -17.02 28.55
CA THR C 235 -20.11 -17.03 29.88
C THR C 235 -19.33 -16.21 30.93
N LEU C 236 -18.00 -16.27 30.86
CA LEU C 236 -17.14 -15.68 31.89
C LEU C 236 -17.12 -14.15 31.82
N PRO C 237 -16.97 -13.47 32.99
CA PRO C 237 -16.79 -12.01 33.00
C PRO C 237 -15.46 -11.56 32.39
N GLY C 238 -15.47 -10.48 31.63
CA GLY C 238 -14.29 -9.97 30.95
C GLY C 238 -14.05 -10.52 29.54
N VAL C 239 -14.50 -11.76 29.29
CA VAL C 239 -14.31 -12.43 28.01
C VAL C 239 -15.40 -11.94 27.03
N GLY C 240 -14.96 -11.29 25.95
CA GLY C 240 -15.82 -10.91 24.83
C GLY C 240 -15.77 -11.96 23.74
N ALA C 241 -16.02 -11.52 22.51
CA ALA C 241 -15.95 -12.41 21.33
C ALA C 241 -14.52 -12.57 20.82
N LYS C 242 -13.74 -11.49 20.89
CA LYS C 242 -12.34 -11.52 20.43
C LYS C 242 -11.48 -12.41 21.33
N VAL C 243 -11.57 -12.16 22.64
CA VAL C 243 -10.78 -12.91 23.62
C VAL C 243 -11.15 -14.39 23.58
N ALA C 244 -12.45 -14.69 23.48
CA ALA C 244 -12.93 -16.07 23.32
C ALA C 244 -12.32 -16.76 22.09
N ASP C 245 -12.27 -16.04 20.97
CA ASP C 245 -11.65 -16.54 19.73
C ASP C 245 -10.14 -16.75 19.87
N CYS C 246 -9.46 -15.90 20.61
CA CYS C 246 -8.01 -16.05 20.84
C CYS C 246 -7.72 -17.35 21.58
N ILE C 247 -8.41 -17.54 22.71
CA ILE C 247 -8.21 -18.69 23.58
C ILE C 247 -8.62 -19.99 22.87
N CYS C 248 -9.70 -19.94 22.08
CA CYS C 248 -10.11 -21.06 21.22
C CYS C 248 -9.01 -21.45 20.23
N LEU C 249 -8.47 -20.46 19.55
CA LEU C 249 -7.45 -20.66 18.53
C LEU C 249 -6.09 -21.05 19.10
N MET C 250 -5.67 -20.35 20.15
CA MET C 250 -4.32 -20.49 20.71
C MET C 250 -4.19 -21.57 21.79
N ALA C 251 -5.27 -21.84 22.53
CA ALA C 251 -5.23 -22.73 23.70
C ALA C 251 -6.09 -24.00 23.62
N LEU C 252 -7.16 -24.00 22.80
CA LEU C 252 -8.14 -25.10 22.78
C LEU C 252 -8.27 -25.83 21.43
N ASP C 253 -7.27 -25.70 20.57
CA ASP C 253 -7.19 -26.44 19.29
C ASP C 253 -8.38 -26.24 18.34
N LYS C 254 -8.73 -24.98 18.08
CA LYS C 254 -9.69 -24.63 17.03
C LYS C 254 -8.92 -23.81 15.99
N PRO C 255 -8.27 -24.49 15.02
CA PRO C 255 -7.58 -23.73 13.96
C PRO C 255 -8.47 -22.81 13.09
N GLN C 256 -9.77 -23.11 13.00
CA GLN C 256 -10.71 -22.28 12.24
C GLN C 256 -11.05 -20.92 12.88
N ALA C 257 -10.87 -20.79 14.20
CA ALA C 257 -11.25 -19.55 14.91
C ALA C 257 -10.44 -18.32 14.46
N VAL C 258 -11.13 -17.24 14.13
CA VAL C 258 -10.53 -16.01 13.61
C VAL C 258 -10.90 -14.86 14.56
N PRO C 259 -9.98 -14.48 15.47
CA PRO C 259 -10.24 -13.34 16.36
C PRO C 259 -10.40 -12.03 15.61
N VAL C 260 -11.56 -11.38 15.76
CA VAL C 260 -11.89 -10.17 15.01
C VAL C 260 -11.89 -8.94 15.91
N ASP C 261 -11.06 -7.96 15.54
CA ASP C 261 -10.98 -6.66 16.19
C ASP C 261 -10.62 -5.61 15.11
N VAL C 262 -10.18 -4.42 15.51
CA VAL C 262 -9.87 -3.35 14.55
C VAL C 262 -8.71 -3.69 13.58
N HIS C 263 -7.78 -4.54 14.03
CA HIS C 263 -6.60 -4.88 13.23
C HIS C 263 -6.97 -5.67 11.97
N VAL C 264 -7.76 -6.73 12.14
CA VAL C 264 -8.19 -7.55 11.00
C VAL C 264 -9.27 -6.84 10.15
N TRP C 265 -10.06 -5.98 10.79
CA TRP C 265 -10.97 -5.07 10.08
C TRP C 265 -10.25 -4.20 9.03
N GLN C 266 -9.08 -3.69 9.38
CA GLN C 266 -8.28 -2.86 8.48
C GLN C 266 -7.73 -3.65 7.30
N ILE C 267 -7.16 -4.82 7.60
CA ILE C 267 -6.62 -5.74 6.58
C ILE C 267 -7.73 -6.23 5.63
N ALA C 268 -8.86 -6.64 6.20
CA ALA C 268 -10.00 -7.09 5.42
C ALA C 268 -10.50 -6.04 4.44
N HIS C 269 -10.61 -4.80 4.90
CA HIS C 269 -11.11 -3.74 4.07
C HIS C 269 -10.09 -3.29 3.03
N ARG C 270 -8.87 -2.98 3.46
CA ARG C 270 -7.83 -2.48 2.55
C ARG C 270 -7.41 -3.53 1.53
N ASP C 271 -7.10 -4.74 2.01
CA ASP C 271 -6.45 -5.76 1.20
C ASP C 271 -7.43 -6.73 0.52
N TYR C 272 -8.57 -6.98 1.16
CA TYR C 272 -9.60 -7.89 0.59
C TYR C 272 -10.84 -7.17 0.07
N GLY C 273 -10.83 -5.83 0.06
CA GLY C 273 -11.99 -5.03 -0.32
C GLY C 273 -13.28 -5.39 0.39
N TRP C 274 -13.18 -5.84 1.64
CA TRP C 274 -14.35 -6.34 2.37
C TRP C 274 -15.13 -5.26 3.09
N HIS C 275 -16.46 -5.37 3.03
CA HIS C 275 -17.38 -4.54 3.81
C HIS C 275 -18.46 -5.45 4.34
N PRO C 276 -19.08 -5.09 5.48
CA PRO C 276 -20.14 -5.95 6.03
C PRO C 276 -21.37 -5.96 5.13
N LYS C 277 -21.62 -7.11 4.49
CA LYS C 277 -22.63 -7.24 3.43
C LYS C 277 -24.08 -7.26 3.93
N THR C 278 -24.28 -7.52 5.23
CA THR C 278 -25.58 -7.29 5.87
C THR C 278 -25.96 -5.81 5.81
N SER C 279 -24.95 -4.94 5.93
CA SER C 279 -25.08 -3.51 5.65
C SER C 279 -26.03 -2.79 6.60
N GLN C 280 -25.83 -3.00 7.90
CA GLN C 280 -26.46 -2.18 8.94
C GLN C 280 -25.70 -0.85 9.02
N ALA C 281 -24.37 -0.97 9.06
CA ALA C 281 -23.45 0.15 8.85
C ALA C 281 -22.25 -0.37 8.05
N LYS C 282 -21.17 0.41 7.98
CA LYS C 282 -19.86 -0.08 7.50
C LYS C 282 -18.82 0.10 8.61
N GLY C 283 -19.21 -0.23 9.84
CA GLY C 283 -18.35 -0.08 11.03
C GLY C 283 -18.40 -1.30 11.94
N PRO C 284 -17.46 -1.41 12.90
CA PRO C 284 -17.37 -2.63 13.74
C PRO C 284 -18.55 -2.82 14.70
N SER C 285 -19.28 -3.92 14.50
CA SER C 285 -20.39 -4.34 15.38
C SER C 285 -20.28 -5.84 15.64
N PRO C 286 -20.90 -6.33 16.72
CA PRO C 286 -20.92 -7.78 17.02
C PRO C 286 -21.28 -8.69 15.83
N LEU C 287 -22.28 -8.31 15.04
CA LEU C 287 -22.76 -9.12 13.90
C LEU C 287 -21.81 -9.04 12.70
N ALA C 288 -21.29 -7.86 12.41
CA ALA C 288 -20.29 -7.68 11.35
C ALA C 288 -19.00 -8.44 11.66
N ASN C 289 -18.60 -8.41 12.93
CA ASN C 289 -17.41 -9.12 13.42
C ASN C 289 -17.52 -10.63 13.21
N LYS C 290 -18.72 -11.18 13.40
CA LYS C 290 -18.98 -12.60 13.12
C LYS C 290 -18.96 -12.90 11.62
N GLU C 291 -19.50 -11.99 10.81
CA GLU C 291 -19.49 -12.14 9.37
C GLU C 291 -18.05 -12.11 8.83
N LEU C 292 -17.22 -11.24 9.42
CA LEU C 292 -15.81 -11.16 9.04
C LEU C 292 -15.05 -12.44 9.39
N GLY C 293 -15.35 -13.01 10.56
CA GLY C 293 -14.83 -14.32 10.96
C GLY C 293 -15.18 -15.42 9.94
N ASN C 294 -16.45 -15.45 9.55
CA ASN C 294 -16.93 -16.44 8.56
C ASN C 294 -16.34 -16.20 7.16
N PHE C 295 -16.13 -14.93 6.80
CA PHE C 295 -15.52 -14.59 5.51
C PHE C 295 -14.14 -15.23 5.37
N PHE C 296 -13.33 -15.13 6.43
CA PHE C 296 -11.97 -15.67 6.44
C PHE C 296 -11.93 -17.19 6.54
N ARG C 297 -12.84 -17.78 7.32
CA ARG C 297 -13.02 -19.23 7.32
C ARG C 297 -13.43 -19.76 5.95
N ASN C 298 -14.34 -19.05 5.30
CA ASN C 298 -14.80 -19.42 3.96
C ASN C 298 -13.67 -19.36 2.91
N LEU C 299 -12.75 -18.39 3.07
CA LEU C 299 -11.65 -18.17 2.12
C LEU C 299 -10.47 -19.13 2.36
N TRP C 300 -10.03 -19.25 3.61
CA TRP C 300 -8.83 -20.03 3.96
C TRP C 300 -9.11 -21.48 4.36
N GLY C 301 -10.29 -21.73 4.91
CA GLY C 301 -10.75 -23.09 5.21
C GLY C 301 -10.52 -23.46 6.67
N PRO C 302 -10.18 -24.74 6.94
CA PRO C 302 -10.12 -25.23 8.34
C PRO C 302 -9.10 -24.52 9.26
N TYR C 303 -7.99 -24.05 8.69
CA TYR C 303 -6.94 -23.36 9.46
C TYR C 303 -6.95 -21.83 9.24
N ALA C 304 -8.14 -21.23 9.34
CA ALA C 304 -8.30 -19.78 9.11
C ALA C 304 -7.48 -18.93 10.10
N GLY C 305 -7.56 -19.29 11.38
CA GLY C 305 -6.82 -18.61 12.43
C GLY C 305 -5.30 -18.62 12.27
N TRP C 306 -4.77 -19.71 11.75
CA TRP C 306 -3.33 -19.84 11.47
C TRP C 306 -2.90 -18.90 10.36
N ALA C 307 -3.74 -18.74 9.34
CA ALA C 307 -3.49 -17.79 8.24
C ALA C 307 -3.53 -16.33 8.72
N GLN C 308 -4.45 -16.04 9.63
CA GLN C 308 -4.53 -14.71 10.23
C GLN C 308 -3.22 -14.31 10.92
N ALA C 309 -2.66 -15.24 11.68
CA ALA C 309 -1.38 -15.04 12.38
C ALA C 309 -0.22 -14.67 11.44
N VAL C 310 -0.26 -15.18 10.22
CA VAL C 310 0.76 -14.86 9.20
C VAL C 310 0.62 -13.42 8.73
N LEU C 311 -0.63 -12.99 8.48
CA LEU C 311 -0.91 -11.62 8.07
C LEU C 311 -0.61 -10.63 9.18
N PHE C 312 -1.00 -10.97 10.40
CA PHE C 312 -0.67 -10.18 11.60
C PHE C 312 0.84 -10.03 11.77
N SER C 313 1.58 -11.12 11.57
CA SER C 313 3.03 -11.12 11.71
C SER C 313 3.71 -10.23 10.66
N ALA C 314 3.14 -10.18 9.45
CA ALA C 314 3.58 -9.24 8.41
C ALA C 314 3.20 -7.79 8.73
N ASP C 315 2.05 -7.61 9.37
CA ASP C 315 1.56 -6.28 9.76
C ASP C 315 2.48 -5.60 10.78
N LEU C 316 2.96 -6.36 11.76
CA LEU C 316 3.91 -5.87 12.78
C LEU C 316 5.29 -5.45 12.24
N ARG C 317 5.70 -5.96 11.06
CA ARG C 317 6.99 -5.63 10.45
C ARG C 317 6.81 -5.19 9.00
C10 ELB D . -2.76 -12.41 -16.86
C13 ELB D . -3.86 -12.28 -14.16
C17 ELB D . -4.30 -8.66 -18.35
C20 ELB D . -4.89 -6.07 -19.03
C22 ELB D . -3.55 -6.41 -18.85
C24 ELB D . -2.45 -10.11 -12.66
C26 ELB D . -3.20 -7.78 -12.67
N01 ELB D . -1.86 -8.58 -9.26
C02 ELB D . -2.25 -8.73 -10.63
C03 ELB D . -2.07 -9.97 -11.32
N04 ELB D . -1.52 -11.22 -10.87
C05 ELB D . -1.58 -12.13 -11.95
O06 ELB D . -1.19 -13.28 -11.89
N07 ELB D . -2.16 -11.49 -13.07
C08 ELB D . -2.34 -12.13 -14.40
C09 ELB D . -1.92 -11.69 -15.79
N11 ELB D . -4.07 -11.93 -16.46
C12 ELB D . -4.64 -12.74 -15.41
C14 ELB D . -4.57 -10.67 -16.91
O15 ELB D . -5.64 -10.29 -16.47
N16 ELB D . -3.85 -9.93 -17.92
C18 ELB D . -5.64 -8.29 -18.51
C19 ELB D . -5.92 -6.98 -18.87
I21 ELB D . -5.35 -4.09 -19.55
C23 ELB D . -3.27 -7.72 -18.49
C25 ELB D . -3.02 -9.00 -13.34
C27 ELB D . -2.81 -7.63 -11.31
NI NI E . -14.46 0.66 1.13
C10 ELB F . -0.98 21.51 -3.40
C13 ELB F . -2.32 19.06 -4.37
C17 ELB F . -1.95 21.03 0.86
C20 ELB F . -2.33 20.39 3.51
C22 ELB F . -3.42 20.77 2.74
C24 ELB F . -0.77 16.75 -3.33
C26 ELB F . -1.36 15.72 -1.17
N01 ELB F . -0.08 13.04 -3.45
C02 ELB F . -0.47 14.33 -2.97
C03 ELB F . -0.39 15.49 -3.80
N04 ELB F . 0.07 15.63 -5.16
C05 ELB F . -0.05 16.99 -5.51
O06 ELB F . 0.26 17.46 -6.59
N07 ELB F . -0.59 17.72 -4.41
C08 ELB F . -0.80 19.19 -4.41
C09 ELB F . -0.14 20.24 -3.52
N11 ELB F . -2.22 20.93 -2.94
C12 ELB F . -3.01 20.39 -4.04
C14 ELB F . -2.52 20.74 -1.55
O15 ELB F . -3.57 20.18 -1.27
N16 ELB F . -1.64 21.26 -0.51
C18 ELB F . -0.86 20.63 1.63
C19 ELB F . -1.04 20.31 2.98
I21 ELB F . -2.63 19.90 5.54
C23 ELB F . -3.24 21.08 1.39
C25 ELB F . -1.27 16.87 -2.00
C27 ELB F . -0.97 14.45 -1.65
C ACT G . -12.10 24.12 -4.29
O ACT G . -12.13 24.75 -3.22
OXT ACT G . -13.16 23.79 -4.88
CH3 ACT G . -10.79 23.74 -4.92
C10 ELB H . -1.86 -8.79 21.11
C13 ELB H . -2.69 -6.40 19.69
C17 ELB H . -3.42 -11.84 18.44
C20 ELB H . -4.00 -13.66 16.44
C22 ELB H . -5.03 -13.22 17.30
C24 ELB H . -1.18 -6.23 17.14
C26 ELB H . -2.04 -7.23 15.04
N01 ELB H . -0.20 -4.07 14.20
C02 ELB H . -0.78 -5.15 14.95
C03 ELB H . -0.64 -5.19 16.38
N04 ELB H . 0.03 -4.28 17.27
C05 ELB H . -0.13 -4.78 18.59
O06 ELB H . 0.32 -4.24 19.57
N07 ELB H . -0.89 -5.98 18.56
C08 ELB H . -1.20 -6.77 19.77
C09 ELB H . -0.87 -8.21 20.12
N11 ELB H . -3.09 -8.62 20.38
C12 ELB H . -3.62 -7.28 20.56
C14 ELB H . -3.61 -9.60 19.47
O15 ELB H . -4.64 -9.38 18.83
N16 ELB H . -2.95 -10.88 19.36
C18 ELB H . -2.42 -12.28 17.57
C19 ELB H . -2.71 -13.20 16.58
I21 ELB H . -4.33 -15.04 14.90
C23 ELB H . -4.74 -12.29 18.30
C25 ELB H . -1.90 -7.26 16.45
C27 ELB H . -1.48 -6.17 14.29
#